data_4PFW
#
_entry.id   4PFW
#
_cell.length_a   99.548
_cell.length_b   194.227
_cell.length_c   159.425
_cell.angle_alpha   90.00
_cell.angle_beta   90.00
_cell.angle_gamma   90.00
#
_symmetry.space_group_name_H-M   'C 2 2 21'
#
loop_
_entity.id
_entity.type
_entity.pdbx_description
1 polymer 'ABC transporter substrate-binding protein'
2 branched beta-D-mannopyranose-(1-4)-beta-D-mannopyranose-(1-4)-beta-D-mannopyranose-(1-4)-beta-D-mannopyranose-(1-4)-alpha-D-mannopyranose-(1-4)-alpha-D-mannopyranose
3 non-polymer 'MAGNESIUM ION'
4 non-polymer 'SULFATE ION'
5 non-polymer GLYCEROL
6 water water
#
_entity_poly.entity_id   1
_entity_poly.type   'polypeptide(L)'
_entity_poly.pdbx_seq_one_letter_code
;MVLERNETMYYGGSLWSPPSNWNPFTPWNAVPGTTGLVYETMFFYDPLTGNFDPWLAEKGEWLDSKTYRVVLREGIYWHD
NVPLTSEDVRFTFEIAKKYKGIHYSSVWEWLDHIETPDNRTVIFVFKDPRYHEWNELLYTLPIVPKHIWEEKDETTILQS
SNEYPLGSGPYVAHSWDQNKMIFERFENWWGTKVMGVKPAPKYVVIVRVLSNNVALGMLMKGELDFSNFMLPGVPILKKV
YNLNTWYDEPPYHLSSTVVGLFLNARKYPLSLPEFRRAIAMSINADPIVQRVYEGAVLKADPLGFLPNSVWMKYYPKEVV
EKHGFKYDPEEAKSILDKLGFRDVNGDGFRETPDGKPIKLTIECPYGWTDWMQAIQVIVDQLKVVGINAEPYFPDSSKYY
ENMYKGEFDIEMNANGTGISSTPWTYFNTIFYPDALESEFSYTGNYGRYQNPEVESLLEELNRTPLDNVEKVTELCGKLG
EILLKDLPFIPLWYGAMAFITQDNVWTNWPNEHNPYAWPCGWANWWQTGALKILFNLKPAKHHHHHH
;
_entity_poly.pdbx_strand_id   A,B
#
# COMPACT_ATOMS: atom_id res chain seq x y z
N VAL A 2 36.34 3.88 12.21
CA VAL A 2 36.34 3.75 10.76
C VAL A 2 35.44 2.60 10.30
N LEU A 3 34.45 2.93 9.48
CA LEU A 3 33.43 1.95 9.09
C LEU A 3 33.51 1.48 7.63
N GLU A 4 33.30 0.18 7.43
CA GLU A 4 33.33 -0.40 6.09
C GLU A 4 32.18 0.13 5.25
N ARG A 5 32.51 0.80 4.14
CA ARG A 5 31.51 1.46 3.33
C ARG A 5 30.38 0.52 2.91
N ASN A 6 30.74 -0.69 2.47
CA ASN A 6 29.77 -1.59 1.89
C ASN A 6 28.86 -2.22 2.93
N GLU A 7 29.20 -2.04 4.20
CA GLU A 7 28.41 -2.58 5.31
C GLU A 7 27.66 -1.46 6.01
N THR A 8 27.75 -0.26 5.44
CA THR A 8 27.26 0.94 6.10
C THR A 8 26.25 1.68 5.23
N MET A 9 25.12 2.05 5.81
CA MET A 9 24.19 2.91 5.11
C MET A 9 24.15 4.29 5.74
N TYR A 10 24.38 5.31 4.92
CA TYR A 10 24.35 6.70 5.38
C TYR A 10 22.97 7.30 5.13
N TYR A 11 22.32 7.65 6.22
CA TYR A 11 21.04 8.33 6.20
C TYR A 11 21.23 9.80 6.59
N GLY A 12 20.41 10.69 6.04
CA GLY A 12 20.43 12.08 6.50
C GLY A 12 19.08 12.73 6.32
N GLY A 13 18.81 13.80 7.07
CA GLY A 13 17.62 14.60 6.85
C GLY A 13 16.84 15.04 8.08
N SER A 14 17.16 14.48 9.24
CA SER A 14 16.38 14.69 10.48
C SER A 14 17.23 14.97 11.73
N LEU A 15 18.53 15.09 11.54
CA LEU A 15 19.45 15.40 12.62
C LEU A 15 20.04 16.78 12.39
N TRP A 16 19.60 17.74 13.19
CA TRP A 16 19.91 19.15 12.96
C TRP A 16 20.53 19.79 14.21
N SER A 17 20.95 18.94 15.13
CA SER A 17 21.61 19.31 16.38
C SER A 17 22.59 18.21 16.74
N PRO A 18 23.59 18.54 17.57
CA PRO A 18 24.49 17.48 18.05
C PRO A 18 23.72 16.38 18.76
N PRO A 19 23.97 15.11 18.40
CA PRO A 19 23.34 14.00 19.12
C PRO A 19 23.78 13.99 20.58
N SER A 20 22.81 14.14 21.49
CA SER A 20 23.11 14.31 22.90
C SER A 20 22.11 13.65 23.84
N ASN A 21 21.08 13.00 23.27
CA ASN A 21 20.03 12.39 24.06
C ASN A 21 19.51 11.12 23.40
N TRP A 22 19.30 10.07 24.21
CA TRP A 22 18.80 8.79 23.72
C TRP A 22 17.74 8.30 24.69
N ASN A 23 17.02 9.24 25.27
CA ASN A 23 16.06 8.94 26.33
C ASN A 23 14.67 8.70 25.75
N PRO A 24 14.17 7.46 25.86
CA PRO A 24 12.88 7.11 25.27
C PRO A 24 11.74 7.90 25.91
N PHE A 25 11.97 8.42 27.11
CA PHE A 25 10.97 9.22 27.80
C PHE A 25 10.93 10.68 27.31
N THR A 26 11.96 11.09 26.57
CA THR A 26 12.00 12.45 26.04
C THR A 26 12.14 12.43 24.52
N PRO A 27 11.05 12.08 23.81
CA PRO A 27 11.11 11.88 22.36
C PRO A 27 11.47 13.14 21.58
N TRP A 28 11.28 14.31 22.18
CA TRP A 28 11.57 15.56 21.51
C TRP A 28 13.06 15.80 21.40
N ASN A 29 13.85 15.15 22.25
CA ASN A 29 15.30 15.36 22.24
C ASN A 29 16.05 14.14 21.78
N ALA A 30 15.36 13.00 21.71
CA ALA A 30 16.02 11.75 21.40
C ALA A 30 16.46 11.69 19.93
N VAL A 31 17.73 11.32 19.73
CA VAL A 31 18.34 11.15 18.43
C VAL A 31 17.51 10.25 17.53
N PRO A 32 17.35 10.62 16.25
CA PRO A 32 16.56 9.81 15.32
C PRO A 32 17.04 8.36 15.29
N GLY A 33 16.09 7.44 15.42
CA GLY A 33 16.42 6.02 15.38
C GLY A 33 16.47 5.40 16.76
N THR A 34 16.58 6.22 17.80
CA THR A 34 16.60 5.70 19.18
C THR A 34 15.36 4.84 19.41
N THR A 35 14.20 5.43 19.14
CA THR A 35 12.99 4.67 18.99
C THR A 35 12.93 4.14 17.56
N GLY A 36 12.66 2.85 17.41
CA GLY A 36 12.61 2.22 16.10
C GLY A 36 13.80 1.31 15.87
N LEU A 37 15.02 1.83 16.01
CA LEU A 37 16.21 1.00 15.84
C LEU A 37 16.67 0.36 17.17
N VAL A 38 16.56 1.09 18.27
CA VAL A 38 16.95 0.54 19.57
C VAL A 38 15.73 0.12 20.42
N TYR A 39 14.76 1.02 20.62
CA TYR A 39 13.55 0.65 21.35
C TYR A 39 12.43 0.30 20.37
N GLU A 40 11.64 -0.71 20.71
CA GLU A 40 10.61 -1.21 19.83
C GLU A 40 9.22 -0.84 20.32
N THR A 41 8.26 -0.86 19.39
CA THR A 41 6.87 -0.57 19.71
C THR A 41 6.02 -1.84 19.54
N MET A 42 4.77 -1.79 19.99
CA MET A 42 3.93 -2.97 19.95
C MET A 42 3.52 -3.30 18.54
N PHE A 43 3.36 -2.25 17.73
CA PHE A 43 2.99 -2.40 16.33
C PHE A 43 3.84 -1.53 15.43
N PHE A 44 4.06 -1.99 14.20
CA PHE A 44 4.42 -1.09 13.11
C PHE A 44 3.14 -0.42 12.60
N TYR A 45 3.28 0.72 11.93
CA TYR A 45 2.15 1.31 11.21
C TYR A 45 2.59 1.66 9.79
N ASP A 46 1.73 1.43 8.81
CA ASP A 46 2.11 1.69 7.42
C ASP A 46 1.20 2.73 6.78
N PRO A 47 1.68 4.00 6.68
CA PRO A 47 0.89 5.08 6.08
C PRO A 47 0.47 4.82 4.63
N LEU A 48 1.13 3.88 3.95
CA LEU A 48 0.79 3.58 2.56
C LEU A 48 -0.54 2.88 2.44
N THR A 49 -0.90 2.10 3.46
CA THR A 49 -2.08 1.24 3.45
C THR A 49 -3.02 1.54 4.62
N GLY A 50 -2.46 2.09 5.70
CA GLY A 50 -3.19 2.22 6.95
C GLY A 50 -3.10 0.99 7.87
N ASN A 51 -2.37 -0.04 7.45
CA ASN A 51 -2.30 -1.29 8.18
C ASN A 51 -1.38 -1.25 9.41
N PHE A 52 -1.83 -1.88 10.50
CA PHE A 52 -0.99 -2.10 11.67
C PHE A 52 -0.37 -3.46 11.52
N ASP A 53 0.94 -3.56 11.71
N ASP A 53 0.93 -3.57 11.74
CA ASP A 53 1.60 -4.84 11.65
CA ASP A 53 1.58 -4.86 11.62
C ASP A 53 2.17 -5.18 13.02
C ASP A 53 2.25 -5.22 12.94
N PRO A 54 1.89 -6.39 13.50
CA PRO A 54 2.38 -6.85 14.81
C PRO A 54 3.89 -6.85 14.87
N TRP A 55 4.42 -6.10 15.82
CA TRP A 55 5.85 -6.09 16.10
C TRP A 55 6.09 -6.87 17.42
N LEU A 56 6.16 -6.17 18.54
CA LEU A 56 6.26 -6.84 19.84
C LEU A 56 4.98 -7.62 20.10
N ALA A 57 3.87 -6.95 19.83
CA ALA A 57 2.55 -7.57 19.91
C ALA A 57 2.44 -8.63 18.85
N GLU A 58 1.92 -9.80 19.22
CA GLU A 58 1.59 -10.81 18.23
C GLU A 58 0.20 -10.52 17.70
N LYS A 59 -0.64 -9.97 18.57
CA LYS A 59 -1.99 -9.53 18.23
C LYS A 59 -2.47 -8.46 19.21
N GLY A 60 -3.46 -7.68 18.79
CA GLY A 60 -4.09 -6.69 19.64
C GLY A 60 -5.55 -6.58 19.25
N GLU A 61 -6.43 -6.69 20.23
CA GLU A 61 -7.86 -6.70 19.98
C GLU A 61 -8.64 -5.94 21.05
N TRP A 62 -9.73 -5.32 20.63
CA TRP A 62 -10.75 -4.88 21.57
C TRP A 62 -11.63 -6.07 21.96
N LEU A 63 -11.57 -6.48 23.23
CA LEU A 63 -12.41 -7.56 23.74
C LEU A 63 -13.83 -7.05 23.88
N ASP A 64 -13.97 -5.80 24.29
CA ASP A 64 -15.24 -5.11 24.29
C ASP A 64 -14.96 -3.62 24.19
N SER A 65 -15.95 -2.78 24.41
CA SER A 65 -15.80 -1.37 24.09
C SER A 65 -14.83 -0.67 25.03
N LYS A 66 -14.51 -1.33 26.14
CA LYS A 66 -13.64 -0.73 27.16
C LYS A 66 -12.41 -1.57 27.51
N THR A 67 -12.17 -2.63 26.77
CA THR A 67 -11.09 -3.55 27.14
C THR A 67 -10.26 -3.93 25.93
N TYR A 68 -8.96 -3.65 26.01
CA TYR A 68 -8.04 -3.96 24.92
C TYR A 68 -6.99 -4.93 25.42
N ARG A 69 -6.73 -5.97 24.65
CA ARG A 69 -5.76 -6.97 25.03
C ARG A 69 -4.68 -7.09 23.98
N VAL A 70 -3.42 -7.10 24.39
CA VAL A 70 -2.36 -7.49 23.47
C VAL A 70 -1.70 -8.75 24.00
N VAL A 71 -1.41 -9.67 23.08
CA VAL A 71 -0.62 -10.83 23.41
C VAL A 71 0.73 -10.66 22.72
N LEU A 72 1.78 -10.66 23.52
CA LEU A 72 3.13 -10.50 23.00
C LEU A 72 3.52 -11.75 22.23
N ARG A 73 4.34 -11.58 21.20
CA ARG A 73 5.05 -12.70 20.63
C ARG A 73 5.90 -13.45 21.67
N GLU A 74 6.05 -14.75 21.49
CA GLU A 74 6.95 -15.51 22.33
C GLU A 74 8.40 -15.31 21.88
N GLY A 75 9.33 -15.27 22.84
CA GLY A 75 10.75 -15.26 22.52
C GLY A 75 11.36 -13.90 22.27
N ILE A 76 10.72 -12.85 22.77
CA ILE A 76 11.29 -11.49 22.75
C ILE A 76 12.31 -11.29 23.88
N TYR A 77 13.48 -10.77 23.56
CA TYR A 77 14.52 -10.54 24.58
C TYR A 77 15.11 -9.15 24.49
N TRP A 78 15.47 -8.61 25.64
CA TRP A 78 16.27 -7.40 25.71
C TRP A 78 17.69 -7.73 25.26
N HIS A 79 18.44 -6.71 24.89
CA HIS A 79 19.80 -6.90 24.42
C HIS A 79 20.70 -7.55 25.49
N ASP A 80 20.37 -7.37 26.76
CA ASP A 80 21.14 -8.01 27.83
C ASP A 80 20.60 -9.41 28.20
N ASN A 81 19.82 -9.98 27.28
CA ASN A 81 19.26 -11.34 27.38
C ASN A 81 18.16 -11.53 28.41
N VAL A 82 17.76 -10.46 29.09
CA VAL A 82 16.57 -10.53 29.95
C VAL A 82 15.34 -10.63 29.03
N PRO A 83 14.44 -11.58 29.33
CA PRO A 83 13.21 -11.74 28.56
C PRO A 83 12.36 -10.48 28.59
N LEU A 84 11.83 -10.06 27.45
CA LEU A 84 10.86 -8.97 27.43
C LEU A 84 9.48 -9.58 27.66
N THR A 85 8.77 -9.09 28.66
CA THR A 85 7.48 -9.70 29.01
C THR A 85 6.39 -8.67 29.23
N SER A 86 5.21 -9.18 29.52
CA SER A 86 4.03 -8.38 29.78
C SER A 86 4.25 -7.37 30.91
N GLU A 87 5.10 -7.72 31.87
CA GLU A 87 5.43 -6.76 32.93
C GLU A 87 6.27 -5.58 32.41
N ASP A 88 7.09 -5.80 31.40
CA ASP A 88 7.81 -4.68 30.76
C ASP A 88 6.82 -3.69 30.17
N VAL A 89 5.79 -4.22 29.51
CA VAL A 89 4.75 -3.39 28.94
C VAL A 89 3.95 -2.73 30.06
N ARG A 90 3.60 -3.51 31.08
CA ARG A 90 2.89 -2.97 32.23
C ARG A 90 3.66 -1.82 32.84
N PHE A 91 4.94 -2.06 33.11
CA PHE A 91 5.83 -1.03 33.64
C PHE A 91 5.82 0.24 32.80
N THR A 92 5.86 0.07 31.48
CA THR A 92 6.00 1.19 30.55
C THR A 92 4.90 2.21 30.81
N PHE A 93 3.68 1.71 31.05
CA PHE A 93 2.55 2.57 31.34
C PHE A 93 2.50 3.06 32.80
N GLU A 94 2.80 2.18 33.75
CA GLU A 94 2.58 2.49 35.16
C GLU A 94 3.63 3.43 35.76
N ILE A 95 4.81 3.45 35.17
CA ILE A 95 5.85 4.37 35.63
C ILE A 95 5.38 5.82 35.47
N ALA A 96 4.41 6.04 34.58
CA ALA A 96 3.86 7.36 34.32
C ALA A 96 2.71 7.72 35.27
N LYS A 97 2.10 6.71 35.88
CA LYS A 97 1.12 6.95 36.93
C LYS A 97 1.84 7.34 38.20
N LYS A 98 2.97 6.69 38.47
CA LYS A 98 3.82 7.01 39.61
C LYS A 98 4.51 8.36 39.44
N TYR A 99 5.04 8.62 38.26
CA TYR A 99 5.75 9.88 37.99
C TYR A 99 5.01 10.71 36.94
N LYS A 100 4.15 11.61 37.41
CA LYS A 100 3.24 12.33 36.52
C LYS A 100 3.95 13.28 35.54
N GLY A 101 5.23 13.55 35.79
CA GLY A 101 6.01 14.41 34.91
C GLY A 101 6.30 13.77 33.58
N ILE A 102 6.18 12.45 33.51
CA ILE A 102 6.39 11.74 32.26
C ILE A 102 5.28 12.13 31.27
N HIS A 103 5.67 12.54 30.06
CA HIS A 103 4.76 13.20 29.12
C HIS A 103 3.44 12.44 28.85
N TYR A 104 3.44 11.12 28.97
CA TYR A 104 2.20 10.37 28.70
C TYR A 104 1.44 9.96 29.97
N SER A 105 1.70 10.64 31.09
CA SER A 105 0.98 10.33 32.34
C SER A 105 -0.53 10.56 32.18
N SER A 106 -0.91 11.47 31.28
CA SER A 106 -2.32 11.79 31.02
C SER A 106 -3.20 10.60 30.67
N VAL A 107 -2.60 9.53 30.16
CA VAL A 107 -3.38 8.37 29.71
C VAL A 107 -4.17 7.77 30.88
N TRP A 108 -3.64 7.97 32.09
CA TRP A 108 -4.26 7.41 33.29
C TRP A 108 -5.49 8.21 33.70
N GLU A 109 -5.82 9.24 32.93
CA GLU A 109 -7.07 9.94 33.12
C GLU A 109 -8.21 9.16 32.46
N TRP A 110 -7.86 8.19 31.63
CA TRP A 110 -8.86 7.40 30.94
C TRP A 110 -8.50 5.92 30.88
N LEU A 111 -7.27 5.60 31.26
CA LEU A 111 -6.88 4.22 31.49
C LEU A 111 -7.11 3.94 32.97
N ASP A 112 -7.87 2.89 33.27
CA ASP A 112 -8.21 2.61 34.66
C ASP A 112 -7.17 1.70 35.33
N HIS A 113 -6.82 0.60 34.67
CA HIS A 113 -5.79 -0.31 35.19
C HIS A 113 -5.35 -1.32 34.13
N ILE A 114 -4.33 -2.10 34.48
CA ILE A 114 -3.72 -3.06 33.57
C ILE A 114 -3.67 -4.42 34.26
N GLU A 115 -3.99 -5.49 33.52
CA GLU A 115 -3.88 -6.83 34.08
C GLU A 115 -2.90 -7.64 33.26
N THR A 116 -2.21 -8.58 33.90
CA THR A 116 -1.27 -9.43 33.18
C THR A 116 -1.41 -10.87 33.65
N PRO A 117 -2.37 -11.60 33.06
CA PRO A 117 -2.66 -12.96 33.52
C PRO A 117 -1.54 -13.96 33.24
N ASP A 118 -0.60 -13.62 32.34
CA ASP A 118 0.60 -14.42 32.14
C ASP A 118 1.66 -13.50 31.57
N ASN A 119 2.84 -14.03 31.23
CA ASN A 119 3.93 -13.14 30.84
C ASN A 119 3.91 -12.73 29.38
N ARG A 120 2.87 -13.09 28.63
CA ARG A 120 2.76 -12.67 27.23
C ARG A 120 1.55 -11.76 27.05
N THR A 121 0.71 -11.69 28.08
CA THR A 121 -0.60 -11.07 27.94
C THR A 121 -0.76 -9.80 28.76
N VAL A 122 -1.06 -8.71 28.06
CA VAL A 122 -1.36 -7.42 28.67
C VAL A 122 -2.81 -7.04 28.40
N ILE A 123 -3.59 -6.84 29.45
CA ILE A 123 -4.98 -6.41 29.28
C ILE A 123 -5.19 -5.00 29.82
N PHE A 124 -5.59 -4.08 28.94
CA PHE A 124 -5.91 -2.70 29.32
C PHE A 124 -7.41 -2.51 29.55
N VAL A 125 -7.78 -2.08 30.75
CA VAL A 125 -9.17 -1.74 31.03
C VAL A 125 -9.33 -0.23 31.18
N PHE A 126 -10.22 0.35 30.39
CA PHE A 126 -10.34 1.81 30.30
C PHE A 126 -11.56 2.36 31.03
N LYS A 127 -11.33 3.40 31.83
CA LYS A 127 -12.43 4.19 32.39
C LYS A 127 -13.13 4.95 31.26
N ASP A 128 -12.35 5.47 30.32
CA ASP A 128 -12.89 6.23 29.20
C ASP A 128 -12.07 5.98 27.93
N PRO A 129 -12.52 5.03 27.10
CA PRO A 129 -11.72 4.59 25.96
C PRO A 129 -11.60 5.64 24.84
N ARG A 130 -10.42 6.24 24.75
CA ARG A 130 -10.16 7.21 23.69
C ARG A 130 -9.49 6.51 22.51
N TYR A 131 -10.30 6.05 21.59
CA TYR A 131 -9.87 5.14 20.52
C TYR A 131 -8.81 5.70 19.57
N HIS A 132 -9.01 6.94 19.11
CA HIS A 132 -8.11 7.50 18.10
C HIS A 132 -6.70 7.61 18.66
N GLU A 133 -6.62 8.14 19.87
CA GLU A 133 -5.37 8.29 20.57
C GLU A 133 -4.72 6.93 20.91
N TRP A 134 -5.55 5.95 21.29
CA TRP A 134 -5.02 4.63 21.61
C TRP A 134 -4.35 3.99 20.39
N ASN A 135 -5.02 4.07 19.25
CA ASN A 135 -4.47 3.57 17.99
C ASN A 135 -3.07 4.08 17.75
N GLU A 136 -2.86 5.37 18.00
CA GLU A 136 -1.55 5.97 17.78
C GLU A 136 -0.54 5.45 18.81
N LEU A 137 -0.95 5.36 20.07
CA LEU A 137 -0.06 4.83 21.11
C LEU A 137 0.51 3.46 20.71
N LEU A 138 -0.34 2.61 20.14
CA LEU A 138 0.05 1.27 19.72
C LEU A 138 1.32 1.23 18.85
N TYR A 139 1.55 2.28 18.05
CA TYR A 139 2.76 2.25 17.25
C TYR A 139 3.75 3.37 17.52
N THR A 140 3.49 4.20 18.54
CA THR A 140 4.42 5.27 18.85
C THR A 140 5.04 5.16 20.25
N LEU A 141 4.39 4.44 21.17
CA LEU A 141 4.92 4.32 22.52
C LEU A 141 5.96 3.20 22.61
N PRO A 142 7.23 3.57 22.81
CA PRO A 142 8.31 2.59 22.90
C PRO A 142 8.22 1.82 24.22
N ILE A 143 8.48 0.52 24.17
CA ILE A 143 8.44 -0.30 25.36
C ILE A 143 9.83 -0.31 25.98
N VAL A 144 9.88 -0.11 27.30
CA VAL A 144 11.14 0.10 28.01
C VAL A 144 11.35 -0.98 29.07
N PRO A 145 12.63 -1.31 29.36
CA PRO A 145 12.94 -2.40 30.29
C PRO A 145 12.73 -2.05 31.77
N LYS A 146 11.72 -2.67 32.36
CA LYS A 146 11.45 -2.58 33.79
C LYS A 146 12.71 -2.74 34.63
N HIS A 147 13.51 -3.75 34.32
CA HIS A 147 14.69 -4.07 35.14
C HIS A 147 15.77 -3.01 35.06
N ILE A 148 15.65 -2.11 34.09
CA ILE A 148 16.60 -1.02 33.92
C ILE A 148 16.13 0.25 34.64
N TRP A 149 14.85 0.55 34.54
CA TRP A 149 14.32 1.82 35.02
C TRP A 149 13.63 1.75 36.37
N GLU A 150 13.38 0.51 36.82
CA GLU A 150 12.67 0.21 38.07
C GLU A 150 12.91 1.17 39.22
N GLU A 151 14.17 1.42 39.51
CA GLU A 151 14.53 2.08 40.76
C GLU A 151 15.12 3.46 40.55
N LYS A 152 14.84 4.05 39.40
CA LYS A 152 15.26 5.43 39.14
C LYS A 152 14.16 6.39 39.58
N ASP A 153 14.53 7.56 40.10
CA ASP A 153 13.52 8.55 40.44
C ASP A 153 13.14 9.38 39.22
N GLU A 154 12.18 10.26 39.40
CA GLU A 154 11.59 11.02 38.31
C GLU A 154 12.58 11.96 37.63
N THR A 155 13.46 12.58 38.42
CA THR A 155 14.44 13.49 37.84
C THR A 155 15.44 12.74 36.98
N THR A 156 15.86 11.56 37.45
CA THR A 156 16.75 10.72 36.67
C THR A 156 16.11 10.31 35.34
N ILE A 157 14.85 9.88 35.40
CA ILE A 157 14.13 9.50 34.19
C ILE A 157 13.98 10.67 33.21
N LEU A 158 13.61 11.83 33.72
CA LEU A 158 13.31 12.98 32.85
C LEU A 158 14.56 13.67 32.31
N GLN A 159 15.65 13.61 33.06
CA GLN A 159 16.85 14.41 32.75
C GLN A 159 18.04 13.61 32.22
N SER A 160 17.99 12.28 32.30
CA SER A 160 19.11 11.48 31.82
C SER A 160 19.22 11.47 30.30
N SER A 161 20.46 11.34 29.83
CA SER A 161 20.76 11.26 28.40
C SER A 161 20.61 9.86 27.87
N ASN A 162 20.70 8.88 28.77
CA ASN A 162 20.52 7.47 28.43
C ASN A 162 21.47 7.04 27.32
N GLU A 163 22.76 7.37 27.51
CA GLU A 163 23.80 6.92 26.59
C GLU A 163 23.84 5.41 26.51
N TYR A 164 24.12 4.90 25.32
CA TYR A 164 24.08 3.45 25.06
C TYR A 164 22.79 2.83 25.57
N PRO A 165 21.64 3.31 25.05
CA PRO A 165 20.35 2.86 25.58
C PRO A 165 20.22 1.34 25.49
N LEU A 166 19.71 0.72 26.55
CA LEU A 166 19.46 -0.71 26.55
C LEU A 166 18.04 -0.98 26.06
N GLY A 167 17.92 -1.49 24.83
CA GLY A 167 16.64 -1.79 24.21
C GLY A 167 16.51 -3.26 23.81
N SER A 168 15.53 -3.53 22.95
CA SER A 168 15.25 -4.87 22.46
C SER A 168 15.37 -4.94 20.92
N GLY A 169 15.57 -3.79 20.28
CA GLY A 169 15.50 -3.67 18.84
C GLY A 169 16.67 -4.15 18.00
N PRO A 170 16.57 -3.96 16.67
CA PRO A 170 17.56 -4.50 15.72
C PRO A 170 18.95 -3.88 15.82
N TYR A 171 19.09 -2.74 16.49
CA TYR A 171 20.37 -2.03 16.57
C TYR A 171 20.73 -1.63 17.99
N VAL A 172 22.01 -1.35 18.22
CA VAL A 172 22.45 -0.64 19.41
C VAL A 172 23.15 0.66 19.02
N ALA A 173 23.18 1.61 19.94
CA ALA A 173 24.07 2.77 19.83
C ALA A 173 25.52 2.30 19.79
N HIS A 174 26.28 2.79 18.82
CA HIS A 174 27.66 2.36 18.64
C HIS A 174 28.68 3.46 18.98
N SER A 175 28.47 4.65 18.41
CA SER A 175 29.34 5.80 18.63
C SER A 175 28.66 7.02 18.04
N TRP A 176 29.22 8.21 18.29
CA TRP A 176 28.66 9.45 17.77
C TRP A 176 29.64 10.60 18.00
N ASP A 177 29.40 11.72 17.33
CA ASP A 177 30.10 12.98 17.62
C ASP A 177 29.15 14.12 17.27
N GLN A 178 29.69 15.31 17.08
CA GLN A 178 28.87 16.49 16.79
C GLN A 178 28.10 16.33 15.47
N ASN A 179 28.62 15.53 14.56
CA ASN A 179 28.09 15.53 13.20
C ASN A 179 27.46 14.22 12.74
N LYS A 180 27.40 13.20 13.60
CA LYS A 180 26.78 11.94 13.22
C LYS A 180 26.45 11.01 14.40
N MET A 181 25.43 10.19 14.22
CA MET A 181 25.10 9.11 15.14
C MET A 181 25.31 7.78 14.43
N ILE A 182 26.04 6.86 15.05
CA ILE A 182 26.23 5.55 14.44
C ILE A 182 25.50 4.46 15.22
N PHE A 183 24.71 3.67 14.49
CA PHE A 183 24.05 2.51 15.07
C PHE A 183 24.71 1.26 14.52
N GLU A 184 24.91 0.28 15.39
CA GLU A 184 25.47 -0.99 14.97
C GLU A 184 24.45 -2.08 15.15
N ARG A 185 24.33 -2.95 14.15
CA ARG A 185 23.35 -4.04 14.16
C ARG A 185 23.58 -5.00 15.34
N PHE A 186 22.54 -5.23 16.14
CA PHE A 186 22.61 -6.22 17.22
C PHE A 186 22.34 -7.60 16.62
N GLU A 187 23.39 -8.39 16.52
CA GLU A 187 23.33 -9.67 15.81
C GLU A 187 22.34 -10.67 16.41
N ASN A 188 22.25 -10.70 17.73
CA ASN A 188 21.39 -11.66 18.39
C ASN A 188 19.96 -11.15 18.56
N TRP A 189 19.55 -10.22 17.71
CA TRP A 189 18.20 -9.66 17.78
C TRP A 189 17.16 -10.76 17.72
N TRP A 190 16.20 -10.73 18.63
CA TRP A 190 15.12 -11.71 18.66
C TRP A 190 14.30 -11.61 17.36
N GLY A 191 14.19 -10.39 16.84
CA GLY A 191 13.31 -10.12 15.72
C GLY A 191 13.64 -10.98 14.53
N THR A 192 14.93 -11.25 14.35
CA THR A 192 15.38 -12.10 13.26
C THR A 192 15.00 -13.56 13.49
N LYS A 193 15.04 -14.00 14.75
CA LYS A 193 14.81 -15.40 15.02
C LYS A 193 13.34 -15.71 14.88
N VAL A 194 12.52 -14.77 15.33
CA VAL A 194 11.07 -14.96 15.32
C VAL A 194 10.43 -14.53 13.99
N MET A 195 10.67 -13.28 13.57
CA MET A 195 10.01 -12.74 12.40
C MET A 195 10.76 -13.01 11.09
N GLY A 196 11.97 -13.53 11.19
CA GLY A 196 12.75 -13.81 9.99
C GLY A 196 13.15 -12.59 9.17
N VAL A 197 13.26 -11.43 9.82
CA VAL A 197 13.75 -10.25 9.11
C VAL A 197 15.11 -9.83 9.67
N LYS A 198 15.93 -9.26 8.79
CA LYS A 198 17.29 -8.86 9.15
C LYS A 198 17.69 -7.58 8.42
N PRO A 199 17.90 -6.49 9.17
CA PRO A 199 18.30 -5.22 8.56
C PRO A 199 19.67 -5.38 7.87
N ALA A 200 19.73 -5.07 6.58
CA ALA A 200 20.91 -5.38 5.76
C ALA A 200 22.17 -4.62 6.15
N PRO A 201 22.08 -3.31 6.45
CA PRO A 201 23.34 -2.63 6.82
C PRO A 201 23.81 -3.00 8.23
N LYS A 202 25.09 -3.35 8.36
CA LYS A 202 25.67 -3.61 9.68
C LYS A 202 25.75 -2.31 10.47
N TYR A 203 25.93 -1.21 9.75
CA TYR A 203 25.98 0.10 10.38
C TYR A 203 24.97 1.06 9.74
N VAL A 204 24.21 1.75 10.57
CA VAL A 204 23.38 2.85 10.11
C VAL A 204 23.94 4.14 10.67
N VAL A 205 24.27 5.07 9.79
CA VAL A 205 24.80 6.34 10.25
C VAL A 205 23.78 7.43 9.96
N ILE A 206 23.40 8.16 11.01
CA ILE A 206 22.56 9.33 10.86
C ILE A 206 23.49 10.52 10.68
N VAL A 207 23.52 11.10 9.48
CA VAL A 207 24.42 12.21 9.21
C VAL A 207 23.74 13.55 9.46
N ARG A 208 24.43 14.39 10.23
CA ARG A 208 24.01 15.77 10.43
C ARG A 208 24.77 16.70 9.49
N VAL A 209 24.05 17.67 8.95
CA VAL A 209 24.59 18.54 7.94
C VAL A 209 24.15 19.96 8.28
N LEU A 210 24.90 20.97 7.82
CA LEU A 210 24.59 22.35 8.17
C LEU A 210 23.35 22.89 7.44
N SER A 211 23.18 22.47 6.19
CA SER A 211 22.06 22.93 5.38
C SER A 211 21.79 21.95 4.26
N ASN A 212 20.59 22.02 3.67
CA ASN A 212 20.25 21.13 2.57
C ASN A 212 21.28 21.10 1.43
N ASN A 213 21.93 22.23 1.17
CA ASN A 213 22.86 22.33 0.04
C ASN A 213 24.07 21.40 0.20
N VAL A 214 24.56 21.29 1.44
CA VAL A 214 25.64 20.36 1.78
C VAL A 214 25.25 18.90 1.49
N ALA A 215 24.01 18.54 1.78
CA ALA A 215 23.56 17.17 1.57
C ALA A 215 23.59 16.78 0.10
N LEU A 216 23.27 17.73 -0.78
CA LEU A 216 23.24 17.44 -2.21
C LEU A 216 24.62 17.07 -2.74
N GLY A 217 25.64 17.81 -2.32
CA GLY A 217 27.00 17.47 -2.69
C GLY A 217 27.36 16.05 -2.26
N MET A 218 26.90 15.66 -1.06
CA MET A 218 27.20 14.34 -0.54
C MET A 218 26.56 13.29 -1.41
N LEU A 219 25.31 13.53 -1.79
CA LEU A 219 24.58 12.60 -2.64
C LEU A 219 25.27 12.42 -3.98
N MET A 220 25.71 13.52 -4.57
CA MET A 220 26.38 13.45 -5.87
C MET A 220 27.69 12.71 -5.75
N LYS A 221 28.32 12.80 -4.58
CA LYS A 221 29.57 12.10 -4.33
C LYS A 221 29.31 10.66 -3.92
N GLY A 222 28.03 10.30 -3.74
CA GLY A 222 27.68 8.96 -3.31
C GLY A 222 27.98 8.69 -1.84
N GLU A 223 27.89 9.74 -1.03
CA GLU A 223 28.27 9.66 0.37
C GLU A 223 27.05 9.62 1.28
N LEU A 224 25.88 9.84 0.69
CA LEU A 224 24.61 9.57 1.36
C LEU A 224 23.91 8.49 0.56
N ASP A 225 23.22 7.58 1.24
CA ASP A 225 22.45 6.54 0.57
C ASP A 225 20.97 6.86 0.60
N PHE A 226 20.52 7.28 1.77
CA PHE A 226 19.10 7.42 2.05
C PHE A 226 18.87 8.84 2.59
N SER A 227 18.32 9.69 1.71
CA SER A 227 18.19 11.11 2.04
C SER A 227 16.76 11.60 2.16
N ASN A 228 16.45 12.22 3.30
CA ASN A 228 15.17 12.89 3.50
C ASN A 228 15.33 14.42 3.39
N PHE A 229 16.49 14.90 2.97
CA PHE A 229 16.65 16.35 2.78
C PHE A 229 15.80 16.83 1.63
N MET A 230 15.20 18.01 1.76
CA MET A 230 14.53 18.62 0.61
C MET A 230 15.57 19.22 -0.34
N LEU A 231 15.67 18.68 -1.55
CA LEU A 231 16.63 19.19 -2.52
C LEU A 231 15.95 19.61 -3.81
N PRO A 232 16.43 20.69 -4.45
CA PRO A 232 15.83 21.19 -5.70
C PRO A 232 16.28 20.43 -6.96
N GLY A 233 15.70 20.76 -8.11
CA GLY A 233 16.21 20.28 -9.39
C GLY A 233 16.04 18.79 -9.65
N VAL A 234 15.02 18.19 -9.05
CA VAL A 234 14.80 16.74 -9.10
C VAL A 234 14.90 16.09 -10.49
N PRO A 235 14.26 16.67 -11.54
CA PRO A 235 14.43 16.12 -12.89
C PRO A 235 15.89 16.01 -13.30
N ILE A 236 16.68 17.00 -12.88
CA ILE A 236 18.09 17.08 -13.26
C ILE A 236 18.88 16.11 -12.40
N LEU A 237 18.54 16.03 -11.12
CA LEU A 237 19.21 15.09 -10.23
C LEU A 237 19.09 13.67 -10.77
N LYS A 238 17.90 13.32 -11.24
CA LYS A 238 17.64 12.04 -11.89
C LYS A 238 18.46 11.82 -13.17
N LYS A 239 18.31 12.73 -14.13
CA LYS A 239 18.92 12.59 -15.46
C LYS A 239 20.44 12.73 -15.45
N VAL A 240 20.93 13.74 -14.73
CA VAL A 240 22.37 13.96 -14.70
C VAL A 240 23.10 13.11 -13.65
N TYR A 241 22.51 12.96 -12.47
CA TYR A 241 23.24 12.32 -11.37
C TYR A 241 22.69 10.97 -10.92
N ASN A 242 21.70 10.46 -11.65
CA ASN A 242 21.13 9.14 -11.40
C ASN A 242 20.64 8.97 -9.97
N LEU A 243 20.08 10.04 -9.43
CA LEU A 243 19.47 10.03 -8.11
C LEU A 243 17.97 9.79 -8.28
N ASN A 244 17.43 8.88 -7.49
CA ASN A 244 16.06 8.42 -7.70
C ASN A 244 15.07 8.94 -6.66
N THR A 245 13.82 9.11 -7.07
CA THR A 245 12.75 9.57 -6.17
C THR A 245 11.62 8.55 -6.19
N TRP A 246 10.59 8.76 -5.38
CA TRP A 246 9.48 7.80 -5.30
C TRP A 246 8.72 7.73 -6.63
N TYR A 247 8.26 8.90 -7.11
CA TYR A 247 7.54 8.99 -8.39
C TYR A 247 8.48 9.45 -9.51
N ASP A 248 8.27 8.93 -10.72
CA ASP A 248 9.08 9.32 -11.88
C ASP A 248 8.74 10.73 -12.33
N GLU A 249 7.49 11.12 -12.12
CA GLU A 249 6.97 12.39 -12.60
C GLU A 249 6.57 13.27 -11.41
N PRO A 250 6.32 14.58 -11.66
CA PRO A 250 5.86 15.41 -10.55
C PRO A 250 4.64 14.78 -9.86
N PRO A 251 4.51 14.97 -8.55
CA PRO A 251 5.37 15.80 -7.70
C PRO A 251 6.63 15.09 -7.15
N TYR A 252 6.97 13.92 -7.71
CA TYR A 252 8.21 13.22 -7.38
C TYR A 252 8.24 12.59 -5.98
N HIS A 253 7.73 13.30 -4.98
CA HIS A 253 7.72 12.83 -3.59
C HIS A 253 6.29 12.54 -3.11
N LEU A 254 6.17 11.57 -2.23
CA LEU A 254 4.97 11.38 -1.43
C LEU A 254 4.74 12.64 -0.56
N SER A 255 3.51 12.84 -0.09
CA SER A 255 3.21 13.96 0.83
C SER A 255 3.12 13.40 2.25
N SER A 256 3.71 14.10 3.22
CA SER A 256 3.82 13.56 4.59
C SER A 256 3.29 14.45 5.69
N THR A 257 3.28 15.77 5.46
CA THR A 257 2.89 16.72 6.50
C THR A 257 2.02 17.87 5.99
N VAL A 258 1.41 18.59 6.94
CA VAL A 258 0.75 19.85 6.61
C VAL A 258 1.65 20.98 7.04
N VAL A 259 2.15 21.75 6.08
CA VAL A 259 3.01 22.87 6.42
C VAL A 259 2.18 24.14 6.52
N GLY A 260 2.36 24.88 7.60
CA GLY A 260 1.71 26.16 7.72
C GLY A 260 2.31 27.03 8.79
N LEU A 261 1.53 28.02 9.22
CA LEU A 261 2.02 29.01 10.19
C LEU A 261 1.24 28.94 11.49
N PHE A 262 1.96 28.76 12.59
CA PHE A 262 1.38 29.03 13.88
C PHE A 262 1.54 30.52 14.17
N LEU A 263 0.56 31.09 14.86
CA LEU A 263 0.58 32.49 15.24
C LEU A 263 0.48 32.59 16.74
N ASN A 264 1.22 33.53 17.31
CA ASN A 264 1.19 33.74 18.75
C ASN A 264 -0.14 34.37 19.15
N ALA A 265 -1.08 33.54 19.60
CA ALA A 265 -2.42 34.02 19.90
C ALA A 265 -2.47 34.89 21.14
N ARG A 266 -1.33 35.04 21.81
CA ARG A 266 -1.27 35.77 23.08
C ARG A 266 -0.44 37.05 22.96
N LYS A 267 -0.12 37.42 21.73
CA LYS A 267 0.61 38.66 21.46
C LYS A 267 -0.15 39.53 20.45
N TYR A 268 -0.54 40.71 20.92
CA TYR A 268 -1.20 41.70 20.06
C TYR A 268 -0.24 42.15 18.96
N PRO A 269 -0.74 42.27 17.72
CA PRO A 269 -2.12 42.08 17.28
C PRO A 269 -2.47 40.68 16.79
N LEU A 270 -1.52 39.74 16.84
CA LEU A 270 -1.78 38.37 16.40
C LEU A 270 -2.82 37.68 17.31
N SER A 271 -3.13 38.31 18.44
CA SER A 271 -4.16 37.82 19.34
C SER A 271 -5.56 38.03 18.76
N LEU A 272 -5.65 38.88 17.74
CA LEU A 272 -6.91 39.18 17.08
C LEU A 272 -7.18 38.19 15.95
N PRO A 273 -8.30 37.45 16.04
CA PRO A 273 -8.72 36.53 14.99
C PRO A 273 -8.74 37.23 13.63
N GLU A 274 -9.29 38.43 13.59
CA GLU A 274 -9.46 39.12 12.33
C GLU A 274 -8.13 39.58 11.74
N PHE A 275 -7.13 39.81 12.59
CA PHE A 275 -5.80 40.10 12.11
C PHE A 275 -5.18 38.83 11.53
N ARG A 276 -5.38 37.70 12.20
CA ARG A 276 -4.84 36.43 11.73
C ARG A 276 -5.41 36.11 10.36
N ARG A 277 -6.69 36.39 10.19
CA ARG A 277 -7.40 36.21 8.93
C ARG A 277 -6.82 37.08 7.81
N ALA A 278 -6.51 38.33 8.13
CA ALA A 278 -5.90 39.23 7.16
C ALA A 278 -4.58 38.66 6.67
N ILE A 279 -3.84 38.04 7.58
CA ILE A 279 -2.56 37.41 7.23
C ILE A 279 -2.80 36.24 6.29
N ALA A 280 -3.76 35.39 6.63
CA ALA A 280 -4.10 34.24 5.82
C ALA A 280 -4.51 34.64 4.40
N MET A 281 -5.23 35.74 4.28
CA MET A 281 -5.74 36.18 2.98
C MET A 281 -4.69 36.93 2.15
N SER A 282 -3.55 37.21 2.77
CA SER A 282 -2.50 38.00 2.12
C SER A 282 -1.43 37.09 1.50
N ILE A 283 -1.51 35.82 1.85
CA ILE A 283 -0.50 34.86 1.42
C ILE A 283 -0.99 34.02 0.24
N ASN A 284 -0.18 34.02 -0.83
CA ASN A 284 -0.43 33.15 -1.97
C ASN A 284 0.65 32.08 -2.04
N ALA A 285 0.27 30.83 -1.78
CA ALA A 285 1.21 29.72 -1.86
C ALA A 285 1.58 29.28 -3.30
N ASP A 286 0.86 29.79 -4.32
CA ASP A 286 1.15 29.36 -5.70
C ASP A 286 2.62 29.56 -6.07
N PRO A 287 3.21 30.74 -5.79
CA PRO A 287 4.65 30.80 -6.14
C PRO A 287 5.54 29.96 -5.22
N ILE A 288 5.10 29.66 -4.01
CA ILE A 288 5.88 28.75 -3.17
C ILE A 288 5.85 27.35 -3.78
N VAL A 289 4.65 26.86 -4.09
CA VAL A 289 4.49 25.54 -4.69
C VAL A 289 5.21 25.45 -6.04
N GLN A 290 5.00 26.46 -6.88
CA GLN A 290 5.47 26.41 -8.26
C GLN A 290 6.95 26.73 -8.38
N ARG A 291 7.48 27.63 -7.56
CA ARG A 291 8.84 28.10 -7.81
C ARG A 291 9.84 27.64 -6.74
N VAL A 292 9.54 27.85 -5.46
CA VAL A 292 10.38 27.27 -4.42
C VAL A 292 10.46 25.74 -4.58
N TYR A 293 9.32 25.07 -4.79
CA TYR A 293 9.29 23.60 -4.86
C TYR A 293 9.21 23.02 -6.26
N GLU A 294 9.15 23.88 -7.27
CA GLU A 294 9.12 23.40 -8.66
C GLU A 294 8.08 22.31 -8.87
N GLY A 295 6.91 22.47 -8.26
CA GLY A 295 5.85 21.48 -8.37
C GLY A 295 6.06 20.19 -7.59
N ALA A 296 7.02 20.16 -6.67
CA ALA A 296 7.29 18.94 -5.89
C ALA A 296 6.50 18.88 -4.57
N VAL A 297 5.54 19.78 -4.39
CA VAL A 297 4.56 19.68 -3.31
C VAL A 297 3.19 20.04 -3.84
N LEU A 298 2.19 19.77 -3.01
CA LEU A 298 0.81 20.09 -3.35
C LEU A 298 0.34 21.23 -2.45
N LYS A 299 -0.37 22.19 -3.04
CA LYS A 299 -0.92 23.32 -2.30
C LYS A 299 -2.09 22.87 -1.40
N ALA A 300 -2.23 23.49 -0.22
CA ALA A 300 -3.29 23.12 0.70
C ALA A 300 -4.60 23.89 0.52
N ASP A 301 -5.72 23.23 0.79
CA ASP A 301 -6.99 23.93 0.88
C ASP A 301 -7.08 24.52 2.30
N PRO A 302 -8.09 25.35 2.58
CA PRO A 302 -8.07 26.04 3.88
C PRO A 302 -8.03 25.11 5.11
N LEU A 303 -8.69 23.96 5.07
CA LEU A 303 -8.71 23.06 6.22
C LEU A 303 -7.36 22.36 6.42
N GLY A 304 -6.72 22.02 5.31
CA GLY A 304 -5.41 21.40 5.35
C GLY A 304 -5.37 19.90 5.64
N PHE A 305 -6.45 19.19 5.33
CA PHE A 305 -6.40 17.73 5.39
C PHE A 305 -5.47 17.16 4.30
N LEU A 306 -4.49 16.34 4.70
CA LEU A 306 -3.62 15.64 3.75
C LEU A 306 -4.44 14.79 2.76
N PRO A 307 -4.32 15.08 1.45
CA PRO A 307 -5.13 14.47 0.39
C PRO A 307 -4.93 12.97 0.27
N ASN A 308 -3.75 12.49 0.65
CA ASN A 308 -3.41 11.07 0.58
C ASN A 308 -3.64 10.33 1.91
N SER A 309 -4.33 10.96 2.84
CA SER A 309 -4.50 10.38 4.17
C SER A 309 -5.92 9.93 4.43
N VAL A 310 -6.08 9.09 5.43
CA VAL A 310 -7.39 8.57 5.81
C VAL A 310 -8.25 9.67 6.48
N TRP A 311 -7.67 10.83 6.72
CA TRP A 311 -8.46 11.95 7.20
C TRP A 311 -9.54 12.31 6.15
N MET A 312 -9.23 12.10 4.87
CA MET A 312 -10.13 12.47 3.77
C MET A 312 -11.46 11.72 3.86
N LYS A 313 -11.42 10.58 4.51
CA LYS A 313 -12.61 9.78 4.74
C LYS A 313 -13.59 10.55 5.62
N TYR A 314 -13.10 11.56 6.33
CA TYR A 314 -13.91 12.33 7.26
C TYR A 314 -13.95 13.81 6.89
N TYR A 315 -13.59 14.11 5.64
CA TYR A 315 -13.52 15.48 5.15
C TYR A 315 -14.86 16.18 5.28
N PRO A 316 -14.91 17.28 6.04
CA PRO A 316 -16.17 18.05 6.18
C PRO A 316 -16.30 19.09 5.06
N LYS A 317 -16.76 18.63 3.89
CA LYS A 317 -16.65 19.40 2.65
C LYS A 317 -17.42 20.72 2.69
N GLU A 318 -18.64 20.69 3.20
CA GLU A 318 -19.47 21.89 3.20
C GLU A 318 -18.93 22.94 4.16
N VAL A 319 -18.41 22.51 5.31
CA VAL A 319 -17.79 23.40 6.27
C VAL A 319 -16.65 24.17 5.61
N VAL A 320 -15.82 23.47 4.85
CA VAL A 320 -14.70 24.14 4.20
C VAL A 320 -15.20 25.12 3.14
N GLU A 321 -16.23 24.71 2.40
CA GLU A 321 -16.76 25.56 1.34
C GLU A 321 -17.31 26.87 1.86
N LYS A 322 -17.91 26.84 3.04
CA LYS A 322 -18.62 28.00 3.54
C LYS A 322 -17.72 28.90 4.41
N HIS A 323 -16.69 28.32 5.04
CA HIS A 323 -15.87 29.08 6.00
C HIS A 323 -14.40 29.23 5.64
N GLY A 324 -13.96 28.59 4.57
CA GLY A 324 -12.57 28.63 4.19
C GLY A 324 -12.15 29.98 3.64
N PHE A 325 -10.85 30.28 3.73
CA PHE A 325 -10.30 31.54 3.23
C PHE A 325 -9.66 31.35 1.85
N LYS A 326 -9.45 32.45 1.15
CA LYS A 326 -8.62 32.41 -0.05
C LYS A 326 -7.65 33.57 -0.07
N TYR A 327 -6.68 33.48 -0.97
CA TYR A 327 -5.80 34.60 -1.23
C TYR A 327 -6.63 35.74 -1.81
N ASP A 328 -6.70 36.86 -1.08
CA ASP A 328 -7.53 38.01 -1.46
C ASP A 328 -6.96 39.26 -0.79
N PRO A 329 -5.82 39.77 -1.30
CA PRO A 329 -5.14 40.85 -0.58
C PRO A 329 -5.96 42.15 -0.48
N GLU A 330 -6.87 42.41 -1.40
CA GLU A 330 -7.69 43.62 -1.30
C GLU A 330 -8.66 43.50 -0.13
N GLU A 331 -9.19 42.31 0.09
CA GLU A 331 -10.09 42.10 1.21
C GLU A 331 -9.29 42.11 2.52
N ALA A 332 -8.04 41.66 2.46
CA ALA A 332 -7.16 41.72 3.63
C ALA A 332 -6.96 43.19 4.04
N LYS A 333 -6.67 44.04 3.06
CA LYS A 333 -6.52 45.47 3.33
C LYS A 333 -7.81 46.09 3.87
N SER A 334 -8.94 45.64 3.33
CA SER A 334 -10.24 46.16 3.76
C SER A 334 -10.52 45.78 5.21
N ILE A 335 -10.15 44.57 5.59
CA ILE A 335 -10.28 44.14 6.98
C ILE A 335 -9.40 44.99 7.88
N LEU A 336 -8.15 45.20 7.46
CA LEU A 336 -7.19 45.97 8.25
C LEU A 336 -7.61 47.43 8.41
N ASP A 337 -8.20 48.02 7.38
CA ASP A 337 -8.76 49.37 7.50
C ASP A 337 -9.86 49.39 8.54
N LYS A 338 -10.80 48.44 8.43
CA LYS A 338 -11.95 48.37 9.33
C LYS A 338 -11.51 48.29 10.79
N LEU A 339 -10.45 47.53 11.04
CA LEU A 339 -9.94 47.33 12.39
C LEU A 339 -9.15 48.52 12.91
N GLY A 340 -8.89 49.49 12.04
CA GLY A 340 -8.12 50.67 12.41
C GLY A 340 -6.63 50.58 12.19
N PHE A 341 -6.16 49.47 11.61
CA PHE A 341 -4.73 49.27 11.36
C PHE A 341 -4.30 50.01 10.10
N ARG A 342 -3.79 51.22 10.29
CA ARG A 342 -3.46 52.12 9.18
C ARG A 342 -2.04 52.67 9.32
N ASP A 343 -1.46 52.99 8.17
CA ASP A 343 -0.16 53.63 8.10
C ASP A 343 -0.31 55.09 8.50
N VAL A 344 0.36 55.51 9.58
CA VAL A 344 0.25 56.89 10.07
C VAL A 344 1.57 57.66 10.02
N ASN A 345 2.67 56.96 9.82
CA ASN A 345 3.96 57.62 9.68
C ASN A 345 4.37 57.65 8.21
N GLY A 346 3.63 56.90 7.40
CA GLY A 346 3.85 56.90 5.96
C GLY A 346 4.99 56.01 5.46
N ASP A 347 5.36 54.98 6.21
CA ASP A 347 6.42 54.09 5.75
C ASP A 347 5.84 52.86 5.04
N GLY A 348 4.53 52.89 4.78
CA GLY A 348 3.91 51.79 4.07
C GLY A 348 3.49 50.60 4.93
N PHE A 349 3.92 50.58 6.19
CA PHE A 349 3.47 49.56 7.15
C PHE A 349 2.32 50.09 7.99
N ARG A 350 1.34 49.24 8.27
CA ARG A 350 0.21 49.67 9.09
C ARG A 350 0.57 49.61 10.57
N GLU A 351 0.15 50.62 11.32
CA GLU A 351 0.37 50.65 12.76
C GLU A 351 -0.85 50.09 13.50
N THR A 352 -0.75 49.99 14.82
CA THR A 352 -1.91 49.65 15.64
C THR A 352 -2.85 50.85 15.62
N PRO A 353 -4.14 50.62 15.96
CA PRO A 353 -5.08 51.75 16.07
C PRO A 353 -4.56 52.85 17.00
N ASP A 354 -3.82 52.45 18.02
CA ASP A 354 -3.26 53.38 19.00
C ASP A 354 -2.05 54.11 18.41
N GLY A 355 -1.67 53.74 17.18
CA GLY A 355 -0.60 54.42 16.48
C GLY A 355 0.78 53.84 16.71
N LYS A 356 0.84 52.63 17.26
CA LYS A 356 2.10 51.98 17.58
C LYS A 356 2.56 51.03 16.48
N PRO A 357 3.87 50.97 16.24
CA PRO A 357 4.42 50.15 15.17
C PRO A 357 4.19 48.64 15.39
N ILE A 358 4.03 47.93 14.29
CA ILE A 358 3.86 46.49 14.28
C ILE A 358 4.98 45.81 13.50
N LYS A 359 5.80 45.04 14.19
CA LYS A 359 6.80 44.22 13.52
C LYS A 359 6.73 42.81 14.05
N LEU A 360 6.47 41.86 13.16
CA LEU A 360 6.34 40.47 13.56
C LEU A 360 7.46 39.65 12.94
N THR A 361 8.22 38.93 13.77
CA THR A 361 9.23 38.01 13.27
C THR A 361 8.51 36.80 12.66
N ILE A 362 9.11 36.22 11.63
CA ILE A 362 8.60 34.99 11.07
C ILE A 362 9.78 34.03 10.92
N GLU A 363 9.72 32.85 11.53
CA GLU A 363 10.93 32.05 11.65
C GLU A 363 10.81 30.59 11.23
N CYS A 364 11.96 30.01 10.87
CA CYS A 364 12.13 28.59 10.58
C CYS A 364 13.58 28.26 10.88
N PRO A 365 13.95 26.97 10.86
CA PRO A 365 15.35 26.66 11.15
C PRO A 365 16.30 27.08 10.02
N TYR A 366 17.46 27.60 10.39
CA TYR A 366 18.53 27.83 9.43
C TYR A 366 18.85 26.52 8.71
N GLY A 367 19.01 26.59 7.38
CA GLY A 367 19.51 25.45 6.65
C GLY A 367 18.40 24.64 5.99
N TRP A 368 17.17 24.93 6.40
CA TRP A 368 16.02 24.38 5.72
C TRP A 368 15.70 25.32 4.57
N THR A 369 16.46 25.16 3.49
CA THR A 369 16.55 26.17 2.44
C THR A 369 15.21 26.47 1.79
N ASP A 370 14.36 25.45 1.64
CA ASP A 370 13.03 25.63 1.08
C ASP A 370 12.15 26.51 2.00
N TRP A 371 12.15 26.25 3.30
CA TRP A 371 11.36 27.11 4.20
C TRP A 371 11.92 28.55 4.30
N MET A 372 13.23 28.71 4.21
CA MET A 372 13.81 30.05 4.25
C MET A 372 13.33 30.84 3.03
N GLN A 373 13.30 30.20 1.87
CA GLN A 373 12.82 30.85 0.66
C GLN A 373 11.32 31.11 0.77
N ALA A 374 10.59 30.14 1.29
CA ALA A 374 9.14 30.28 1.44
C ALA A 374 8.84 31.44 2.39
N ILE A 375 9.64 31.54 3.44
CA ILE A 375 9.43 32.60 4.40
C ILE A 375 9.62 33.97 3.74
N GLN A 376 10.62 34.09 2.86
CA GLN A 376 10.82 35.40 2.24
C GLN A 376 9.68 35.77 1.29
N VAL A 377 9.09 34.80 0.58
CA VAL A 377 7.98 35.21 -0.28
C VAL A 377 6.78 35.63 0.60
N ILE A 378 6.60 34.98 1.74
CA ILE A 378 5.53 35.42 2.64
C ILE A 378 5.81 36.85 3.12
N VAL A 379 7.07 37.13 3.44
CA VAL A 379 7.46 38.47 3.88
C VAL A 379 7.14 39.53 2.82
N ASP A 380 7.54 39.25 1.59
CA ASP A 380 7.27 40.14 0.45
C ASP A 380 5.76 40.27 0.22
N GLN A 381 5.01 39.18 0.43
CA GLN A 381 3.57 39.23 0.24
C GLN A 381 2.90 40.00 1.36
N LEU A 382 3.41 39.88 2.58
CA LEU A 382 2.90 40.65 3.70
C LEU A 382 3.26 42.15 3.52
N LYS A 383 4.43 42.43 2.97
CA LYS A 383 4.85 43.83 2.80
C LYS A 383 3.83 44.60 1.99
N VAL A 384 3.20 43.91 1.04
CA VAL A 384 2.37 44.58 0.06
C VAL A 384 0.98 44.89 0.62
N VAL A 385 0.61 44.27 1.73
CA VAL A 385 -0.63 44.64 2.41
C VAL A 385 -0.34 45.51 3.64
N GLY A 386 0.91 45.93 3.81
CA GLY A 386 1.29 46.83 4.89
C GLY A 386 1.61 46.14 6.21
N ILE A 387 2.02 44.88 6.14
CA ILE A 387 2.40 44.13 7.34
C ILE A 387 3.89 43.84 7.35
N ASN A 388 4.57 44.34 8.39
CA ASN A 388 6.01 44.24 8.50
C ASN A 388 6.44 42.92 9.12
N ALA A 389 6.88 41.99 8.29
CA ALA A 389 7.38 40.71 8.76
C ALA A 389 8.88 40.61 8.55
N GLU A 390 9.56 40.11 9.56
CA GLU A 390 11.02 40.09 9.58
C GLU A 390 11.46 38.64 9.68
N PRO A 391 12.12 38.13 8.61
CA PRO A 391 12.52 36.73 8.57
C PRO A 391 13.66 36.45 9.54
N TYR A 392 13.64 35.27 10.14
CA TYR A 392 14.59 34.91 11.18
C TYR A 392 14.85 33.41 11.08
N PHE A 393 16.12 33.05 11.02
CA PHE A 393 16.49 31.66 10.81
C PHE A 393 17.47 31.22 11.89
N PRO A 394 16.96 30.99 13.10
CA PRO A 394 17.78 30.47 14.20
C PRO A 394 18.22 29.02 13.95
N ASP A 395 19.25 28.58 14.67
CA ASP A 395 19.56 27.16 14.73
C ASP A 395 18.31 26.37 15.08
N SER A 396 18.21 25.21 14.46
CA SER A 396 17.13 24.26 14.69
C SER A 396 16.81 24.07 16.20
N SER A 397 17.83 23.91 17.02
CA SER A 397 17.63 23.72 18.46
C SER A 397 16.90 24.92 19.08
N LYS A 398 17.23 26.13 18.64
CA LYS A 398 16.55 27.32 19.14
C LYS A 398 15.15 27.45 18.55
N TYR A 399 15.01 27.05 17.29
CA TYR A 399 13.71 27.08 16.61
C TYR A 399 12.71 26.25 17.39
N TYR A 400 13.15 25.08 17.85
CA TYR A 400 12.28 24.17 18.60
C TYR A 400 12.04 24.66 20.02
N GLU A 401 13.05 25.26 20.65
CA GLU A 401 12.85 25.78 22.01
C GLU A 401 11.80 26.88 21.95
N ASN A 402 11.97 27.80 21.00
CA ASN A 402 10.98 28.83 20.74
C ASN A 402 9.59 28.26 20.58
N MET A 403 9.46 27.25 19.73
CA MET A 403 8.17 26.56 19.49
C MET A 403 7.53 26.03 20.77
N TYR A 404 8.29 25.29 21.58
CA TYR A 404 7.76 24.67 22.80
C TYR A 404 7.36 25.75 23.80
N LYS A 405 8.18 26.78 23.91
CA LYS A 405 7.95 27.85 24.86
C LYS A 405 6.90 28.84 24.36
N GLY A 406 6.61 28.80 23.07
CA GLY A 406 5.72 29.78 22.47
C GLY A 406 6.38 31.14 22.32
N GLU A 407 7.71 31.17 22.32
CA GLU A 407 8.43 32.42 22.16
C GLU A 407 8.72 32.71 20.68
N PHE A 408 7.67 33.10 19.96
CA PHE A 408 7.74 33.45 18.56
C PHE A 408 6.59 34.38 18.20
N ASP A 409 6.70 35.07 17.06
CA ASP A 409 5.57 35.84 16.55
C ASP A 409 4.83 34.99 15.53
N ILE A 410 5.46 34.80 14.38
CA ILE A 410 4.93 33.91 13.34
C ILE A 410 5.95 32.80 13.11
N GLU A 411 5.49 31.59 12.90
CA GLU A 411 6.40 30.45 12.83
C GLU A 411 5.94 29.42 11.82
N MET A 412 6.82 29.08 10.89
CA MET A 412 6.49 28.06 9.91
C MET A 412 6.66 26.72 10.62
N ASN A 413 5.71 25.79 10.39
CA ASN A 413 5.57 24.62 11.27
C ASN A 413 4.97 23.42 10.57
N ALA A 414 5.50 22.24 10.85
CA ALA A 414 4.88 20.98 10.41
C ALA A 414 5.16 19.89 11.46
N ASN A 415 5.09 20.30 12.72
CA ASN A 415 5.52 19.48 13.84
C ASN A 415 4.32 18.85 14.53
N GLY A 416 4.02 17.61 14.15
CA GLY A 416 2.82 16.96 14.65
C GLY A 416 1.71 16.86 13.62
N THR A 417 1.90 17.51 12.46
CA THR A 417 0.88 17.48 11.42
C THR A 417 1.16 16.35 10.42
N GLY A 418 2.04 15.42 10.78
CA GLY A 418 2.36 14.31 9.91
C GLY A 418 1.17 13.42 9.66
N ILE A 419 1.17 12.71 8.54
CA ILE A 419 0.14 11.74 8.20
C ILE A 419 -0.03 10.71 9.33
N SER A 420 -1.27 10.28 9.56
CA SER A 420 -1.62 9.42 10.69
C SER A 420 -2.89 8.62 10.41
N SER A 421 -3.31 7.83 11.39
CA SER A 421 -4.49 6.98 11.26
C SER A 421 -5.78 7.70 11.64
N THR A 422 -5.69 8.98 11.99
CA THR A 422 -6.88 9.73 12.40
C THR A 422 -6.69 11.24 12.34
N PRO A 423 -7.73 11.96 11.89
CA PRO A 423 -7.60 13.41 11.81
C PRO A 423 -7.46 14.03 13.20
N TRP A 424 -7.72 13.23 14.24
CA TRP A 424 -7.53 13.67 15.62
C TRP A 424 -6.09 14.16 15.91
N THR A 425 -5.08 13.55 15.29
CA THR A 425 -3.70 13.97 15.53
C THR A 425 -3.49 15.40 15.05
N TYR A 426 -4.09 15.71 13.91
CA TYR A 426 -3.95 17.00 13.27
C TYR A 426 -4.56 18.09 14.14
N PHE A 427 -5.81 17.87 14.55
CA PHE A 427 -6.54 18.82 15.39
C PHE A 427 -5.95 18.92 16.79
N ASN A 428 -5.40 17.83 17.31
CA ASN A 428 -4.75 17.89 18.61
C ASN A 428 -3.48 18.74 18.54
N THR A 429 -2.69 18.54 17.49
CA THR A 429 -1.50 19.36 17.28
C THR A 429 -1.87 20.82 17.18
N ILE A 430 -2.98 21.13 16.52
CA ILE A 430 -3.39 22.51 16.41
C ILE A 430 -3.91 23.07 17.73
N PHE A 431 -4.94 22.43 18.29
CA PHE A 431 -5.70 22.99 19.41
C PHE A 431 -5.20 22.64 20.84
N TYR A 432 -4.32 21.64 20.95
CA TYR A 432 -3.81 21.13 22.25
C TYR A 432 -4.00 22.05 23.46
N PRO A 433 -5.15 21.92 24.14
CA PRO A 433 -5.54 22.87 25.19
C PRO A 433 -4.55 22.97 26.34
N ASP A 434 -3.85 21.88 26.65
CA ASP A 434 -2.96 21.82 27.81
C ASP A 434 -1.71 22.68 27.63
N ALA A 435 -1.53 23.25 26.44
CA ALA A 435 -0.40 24.13 26.20
C ALA A 435 -0.50 25.41 27.04
N LEU A 436 -1.72 25.79 27.42
CA LEU A 436 -1.97 27.07 28.06
C LEU A 436 -1.51 27.04 29.50
N GLU A 437 -1.25 25.84 29.99
CA GLU A 437 -0.75 25.66 31.34
C GLU A 437 0.56 24.91 31.33
N SER A 438 1.32 25.08 30.24
CA SER A 438 2.61 24.42 30.10
C SER A 438 3.71 25.42 29.72
N GLU A 439 4.86 25.32 30.38
CA GLU A 439 6.01 26.12 29.98
C GLU A 439 6.52 25.58 28.65
N PHE A 440 6.58 24.25 28.57
CA PHE A 440 6.98 23.54 27.37
C PHE A 440 5.82 22.73 26.78
N SER A 441 5.33 23.16 25.63
CA SER A 441 4.28 22.42 24.95
C SER A 441 4.88 21.62 23.80
N TYR A 442 5.10 20.32 24.02
CA TYR A 442 5.72 19.45 23.01
C TYR A 442 4.70 18.92 22.02
N THR A 443 3.44 19.00 22.38
CA THR A 443 2.38 18.31 21.66
C THR A 443 1.75 19.19 20.58
N GLY A 444 1.64 20.48 20.82
CA GLY A 444 1.06 21.40 19.85
C GLY A 444 0.51 22.67 20.48
N ASN A 445 -0.36 23.35 19.73
CA ASN A 445 -0.95 24.63 20.16
C ASN A 445 0.15 25.57 20.63
N TYR A 446 1.20 25.65 19.83
CA TYR A 446 2.42 26.30 20.28
C TYR A 446 2.22 27.77 20.54
N GLY A 447 1.25 28.37 19.86
CA GLY A 447 0.97 29.80 20.00
C GLY A 447 -0.03 30.10 21.08
N ARG A 448 -0.32 29.08 21.90
CA ARG A 448 -1.22 29.18 23.04
C ARG A 448 -2.59 29.77 22.68
N TYR A 449 -3.26 29.18 21.70
CA TYR A 449 -4.62 29.61 21.37
C TYR A 449 -5.65 29.01 22.32
N GLN A 450 -6.48 29.87 22.89
CA GLN A 450 -7.48 29.44 23.87
C GLN A 450 -8.88 29.42 23.26
N ASN A 451 -9.66 28.39 23.58
CA ASN A 451 -11.03 28.29 23.11
C ASN A 451 -11.82 27.34 24.00
N PRO A 452 -12.97 27.79 24.50
CA PRO A 452 -13.67 27.02 25.54
C PRO A 452 -14.35 25.75 25.02
N GLU A 453 -14.53 25.60 23.71
CA GLU A 453 -15.26 24.43 23.22
C GLU A 453 -14.36 23.37 22.57
N VAL A 454 -13.12 23.71 22.20
CA VAL A 454 -12.29 22.76 21.46
C VAL A 454 -11.92 21.51 22.27
N GLU A 455 -11.65 21.65 23.57
CA GLU A 455 -11.22 20.48 24.35
C GLU A 455 -12.30 19.40 24.39
N SER A 456 -13.54 19.83 24.61
CA SER A 456 -14.68 18.93 24.60
C SER A 456 -14.87 18.28 23.22
N LEU A 457 -14.67 19.06 22.15
CA LEU A 457 -14.78 18.55 20.80
C LEU A 457 -13.68 17.53 20.51
N LEU A 458 -12.46 17.86 20.91
CA LEU A 458 -11.33 16.94 20.76
C LEU A 458 -11.60 15.62 21.46
N GLU A 459 -12.11 15.68 22.68
CA GLU A 459 -12.34 14.47 23.44
C GLU A 459 -13.48 13.65 22.82
N GLU A 460 -14.54 14.32 22.41
CA GLU A 460 -15.70 13.63 21.81
C GLU A 460 -15.27 12.92 20.52
N LEU A 461 -14.45 13.59 19.72
CA LEU A 461 -13.86 12.96 18.54
C LEU A 461 -13.05 11.72 18.94
N ASN A 462 -12.19 11.90 19.95
CA ASN A 462 -11.27 10.87 20.39
C ASN A 462 -11.97 9.57 20.82
N ARG A 463 -13.10 9.70 21.51
CA ARG A 463 -13.82 8.54 22.00
C ARG A 463 -14.89 8.02 21.01
N THR A 464 -14.96 8.65 19.84
CA THR A 464 -15.85 8.16 18.80
C THR A 464 -15.16 7.08 17.97
N PRO A 465 -15.73 5.88 17.93
CA PRO A 465 -15.14 4.80 17.12
C PRO A 465 -14.90 5.23 15.68
N LEU A 466 -13.73 4.90 15.13
CA LEU A 466 -13.30 5.36 13.82
C LEU A 466 -14.26 4.98 12.69
N ASP A 467 -14.98 3.88 12.85
CA ASP A 467 -15.88 3.40 11.81
C ASP A 467 -17.23 4.13 11.86
N ASN A 468 -17.41 4.99 12.83
CA ASN A 468 -18.57 5.87 12.83
C ASN A 468 -18.27 7.10 11.97
N VAL A 469 -18.34 6.92 10.65
CA VAL A 469 -17.96 7.97 9.72
C VAL A 469 -18.77 9.24 9.92
N GLU A 470 -20.10 9.11 10.01
CA GLU A 470 -20.96 10.28 10.15
C GLU A 470 -20.58 11.12 11.36
N LYS A 471 -20.35 10.47 12.51
CA LYS A 471 -20.07 11.25 13.71
C LYS A 471 -18.65 11.83 13.70
N VAL A 472 -17.66 11.06 13.26
CA VAL A 472 -16.30 11.59 13.18
C VAL A 472 -16.24 12.76 12.19
N THR A 473 -16.93 12.62 11.07
CA THR A 473 -17.03 13.69 10.08
C THR A 473 -17.66 14.95 10.68
N GLU A 474 -18.76 14.77 11.38
CA GLU A 474 -19.44 15.87 12.05
C GLU A 474 -18.51 16.61 13.02
N LEU A 475 -17.70 15.85 13.74
CA LEU A 475 -16.82 16.44 14.76
C LEU A 475 -15.63 17.14 14.13
N CYS A 476 -15.11 16.55 13.04
CA CYS A 476 -14.10 17.22 12.23
C CYS A 476 -14.64 18.52 11.64
N GLY A 477 -15.91 18.48 11.23
CA GLY A 477 -16.61 19.68 10.82
C GLY A 477 -16.61 20.76 11.89
N LYS A 478 -17.00 20.40 13.11
CA LYS A 478 -17.12 21.37 14.19
C LYS A 478 -15.74 21.94 14.54
N LEU A 479 -14.74 21.07 14.64
CA LEU A 479 -13.37 21.49 14.88
C LEU A 479 -12.82 22.32 13.72
N GLY A 480 -13.08 21.88 12.49
CA GLY A 480 -12.59 22.59 11.31
C GLY A 480 -13.19 23.97 11.24
N GLU A 481 -14.45 24.07 11.65
CA GLU A 481 -15.19 25.33 11.70
C GLU A 481 -14.50 26.35 12.60
N ILE A 482 -13.96 25.87 13.71
CA ILE A 482 -13.25 26.73 14.64
C ILE A 482 -11.89 27.13 14.07
N LEU A 483 -11.16 26.13 13.59
CA LEU A 483 -9.88 26.40 12.92
C LEU A 483 -10.03 27.46 11.83
N LEU A 484 -11.07 27.33 11.01
CA LEU A 484 -11.23 28.19 9.85
C LEU A 484 -11.64 29.60 10.22
N LYS A 485 -12.35 29.75 11.33
CA LYS A 485 -12.83 31.07 11.69
C LYS A 485 -11.87 31.78 12.64
N ASP A 486 -11.05 31.03 13.37
CA ASP A 486 -10.14 31.70 14.30
C ASP A 486 -8.68 31.63 13.88
N LEU A 487 -8.39 30.73 12.93
CA LEU A 487 -7.07 30.62 12.29
C LEU A 487 -5.86 30.69 13.24
N PRO A 488 -5.81 29.81 14.24
CA PRO A 488 -4.63 29.78 15.10
C PRO A 488 -3.46 29.15 14.36
N PHE A 489 -3.80 28.40 13.32
CA PHE A 489 -2.83 27.76 12.46
C PHE A 489 -3.30 27.94 11.03
N ILE A 490 -2.41 28.44 10.18
CA ILE A 490 -2.74 28.67 8.77
C ILE A 490 -2.07 27.65 7.88
N PRO A 491 -2.82 26.65 7.41
CA PRO A 491 -2.29 25.65 6.46
C PRO A 491 -1.94 26.28 5.11
N LEU A 492 -0.79 25.92 4.54
CA LEU A 492 -0.33 26.51 3.27
C LEU A 492 -0.08 25.46 2.19
N TRP A 493 0.73 24.45 2.48
CA TRP A 493 0.92 23.35 1.53
C TRP A 493 1.22 22.03 2.24
N TYR A 494 1.21 20.95 1.49
CA TYR A 494 1.52 19.66 2.06
C TYR A 494 2.99 19.34 1.83
N GLY A 495 3.71 19.22 2.94
CA GLY A 495 5.12 18.94 2.91
C GLY A 495 5.42 17.64 2.19
N ALA A 496 6.46 17.68 1.35
CA ALA A 496 6.94 16.51 0.66
C ALA A 496 7.62 15.55 1.60
N MET A 497 7.35 14.26 1.42
CA MET A 497 8.15 13.21 2.05
C MET A 497 9.39 13.05 1.18
N ALA A 498 10.26 14.03 1.26
CA ALA A 498 11.47 14.10 0.46
C ALA A 498 12.29 12.83 0.64
N PHE A 499 12.57 12.15 -0.46
CA PHE A 499 13.21 10.84 -0.38
C PHE A 499 13.98 10.61 -1.65
N ILE A 500 15.30 10.68 -1.53
CA ILE A 500 16.18 10.53 -2.68
C ILE A 500 17.25 9.52 -2.34
N THR A 501 17.52 8.60 -3.28
CA THR A 501 18.50 7.56 -3.06
C THR A 501 19.40 7.39 -4.27
N GLN A 502 20.48 6.62 -4.11
CA GLN A 502 21.33 6.20 -5.22
C GLN A 502 21.84 4.79 -4.90
N ASP A 503 22.16 4.03 -5.94
CA ASP A 503 22.38 2.59 -5.86
C ASP A 503 23.83 2.10 -5.90
N ASN A 504 24.79 2.97 -5.56
CA ASN A 504 26.20 2.58 -5.63
C ASN A 504 26.60 1.55 -4.57
N VAL A 505 25.88 1.55 -3.45
CA VAL A 505 26.20 0.69 -2.33
C VAL A 505 25.00 -0.18 -1.91
N TRP A 506 23.82 0.43 -1.87
CA TRP A 506 22.57 -0.28 -1.55
C TRP A 506 21.54 -0.14 -2.67
N THR A 507 20.84 -1.23 -2.98
CA THR A 507 19.73 -1.20 -3.94
C THR A 507 18.47 -1.83 -3.37
N ASN A 508 17.42 -1.85 -4.20
CA ASN A 508 16.08 -2.32 -3.85
C ASN A 508 15.37 -1.36 -2.90
N TRP A 509 15.62 -0.06 -3.06
CA TRP A 509 14.82 0.96 -2.39
C TRP A 509 13.37 0.92 -2.90
N PRO A 510 12.43 1.31 -2.04
CA PRO A 510 11.03 1.41 -2.49
C PRO A 510 10.83 2.60 -3.40
N ASN A 511 9.91 2.47 -4.35
CA ASN A 511 9.42 3.60 -5.12
C ASN A 511 8.01 3.28 -5.66
N GLU A 512 7.49 4.09 -6.56
CA GLU A 512 6.12 3.92 -7.00
C GLU A 512 5.90 2.57 -7.70
N HIS A 513 6.96 1.99 -8.28
CA HIS A 513 6.84 0.68 -8.93
C HIS A 513 7.06 -0.46 -7.95
N ASN A 514 7.65 -0.16 -6.80
CA ASN A 514 7.84 -1.19 -5.75
C ASN A 514 7.53 -0.55 -4.39
N PRO A 515 6.26 -0.18 -4.18
CA PRO A 515 5.93 0.72 -3.09
C PRO A 515 5.70 -0.02 -1.78
N TYR A 516 6.76 -0.64 -1.27
CA TYR A 516 6.60 -1.55 -0.15
C TYR A 516 6.76 -0.91 1.25
N ALA A 517 7.27 0.32 1.32
CA ALA A 517 7.48 0.92 2.64
C ALA A 517 7.57 2.43 2.59
N TRP A 518 6.99 3.07 3.59
CA TRP A 518 7.06 4.51 3.79
C TRP A 518 8.48 4.93 4.16
N PRO A 519 9.09 5.83 3.38
CA PRO A 519 10.53 6.10 3.48
C PRO A 519 10.89 7.28 4.39
N CYS A 520 10.64 7.15 5.70
CA CYS A 520 10.77 8.28 6.61
C CYS A 520 11.66 8.01 7.83
N GLY A 521 12.82 8.64 7.86
CA GLY A 521 13.77 8.42 8.95
C GLY A 521 13.79 9.53 9.98
N TRP A 522 12.70 10.28 10.08
CA TRP A 522 12.52 11.25 11.15
C TRP A 522 12.47 10.55 12.51
N ALA A 523 12.85 11.28 13.57
CA ALA A 523 12.71 10.76 14.91
C ALA A 523 11.25 10.38 15.10
N ASN A 524 11.04 9.21 15.68
CA ASN A 524 9.71 8.62 15.98
C ASN A 524 8.99 8.03 14.76
N TRP A 525 9.64 8.03 13.60
CA TRP A 525 8.99 7.54 12.37
C TRP A 525 9.58 6.24 11.78
N TRP A 526 10.68 5.75 12.34
CA TRP A 526 11.34 4.55 11.78
C TRP A 526 10.42 3.31 11.78
N GLN A 527 9.50 3.23 12.73
CA GLN A 527 8.57 2.11 12.76
C GLN A 527 7.39 2.29 11.79
N THR A 528 7.43 3.35 10.97
CA THR A 528 6.38 3.51 9.95
C THR A 528 6.85 3.05 8.57
N GLY A 529 8.11 2.66 8.47
CA GLY A 529 8.59 2.07 7.22
C GLY A 529 10.10 2.01 7.00
N ALA A 530 10.84 3.01 7.47
CA ALA A 530 12.28 3.07 7.17
C ALA A 530 13.02 1.84 7.73
N LEU A 531 12.54 1.28 8.84
CA LEU A 531 13.15 0.04 9.34
C LEU A 531 12.89 -1.10 8.35
N LYS A 532 11.65 -1.19 7.84
CA LYS A 532 11.29 -2.21 6.85
C LYS A 532 12.17 -2.10 5.58
N ILE A 533 12.52 -0.88 5.21
CA ILE A 533 13.44 -0.68 4.09
C ILE A 533 14.76 -1.37 4.37
N LEU A 534 15.30 -1.17 5.57
CA LEU A 534 16.53 -1.85 5.96
C LEU A 534 16.42 -3.37 5.77
N PHE A 535 15.28 -3.94 6.14
CA PHE A 535 15.06 -5.37 5.98
C PHE A 535 15.19 -5.79 4.51
N ASN A 536 14.89 -4.86 3.61
CA ASN A 536 14.73 -5.22 2.20
C ASN A 536 15.89 -4.82 1.31
N LEU A 537 16.85 -4.07 1.85
CA LEU A 537 17.95 -3.57 1.04
C LEU A 537 18.87 -4.71 0.62
N LYS A 538 19.47 -4.58 -0.55
CA LYS A 538 20.38 -5.57 -1.06
C LYS A 538 21.69 -4.87 -1.37
N PRO A 539 22.82 -5.53 -1.10
CA PRO A 539 24.08 -4.88 -1.45
C PRO A 539 24.17 -4.70 -2.95
N ALA A 540 24.82 -3.64 -3.40
CA ALA A 540 25.06 -3.45 -4.83
C ALA A 540 26.13 -4.42 -5.33
N LYS A 541 26.07 -4.75 -6.61
CA LYS A 541 27.04 -5.64 -7.22
C LYS A 541 28.30 -4.88 -7.64
N VAL B 2 -32.12 -20.18 5.23
CA VAL B 2 -32.51 -18.78 5.20
C VAL B 2 -31.61 -17.91 6.08
N LEU B 3 -30.64 -17.25 5.45
CA LEU B 3 -29.62 -16.49 6.17
C LEU B 3 -30.09 -15.09 6.59
N GLU B 4 -29.86 -14.74 7.85
CA GLU B 4 -30.11 -13.38 8.32
C GLU B 4 -29.27 -12.40 7.49
N ARG B 5 -29.95 -11.48 6.82
CA ARG B 5 -29.32 -10.55 5.89
C ARG B 5 -28.18 -9.78 6.53
N ASN B 6 -28.36 -9.36 7.77
CA ASN B 6 -27.32 -8.58 8.46
C ASN B 6 -26.11 -9.39 8.93
N GLU B 7 -26.11 -10.71 8.71
CA GLU B 7 -24.94 -11.54 9.04
C GLU B 7 -24.31 -12.09 7.79
N THR B 8 -24.82 -11.64 6.65
CA THR B 8 -24.48 -12.24 5.38
C THR B 8 -23.87 -11.19 4.44
N MET B 9 -22.77 -11.58 3.80
CA MET B 9 -22.09 -10.72 2.83
C MET B 9 -22.26 -11.38 1.47
N TYR B 10 -22.91 -10.67 0.55
CA TYR B 10 -23.14 -11.17 -0.80
C TYR B 10 -22.05 -10.66 -1.75
N TYR B 11 -21.28 -11.61 -2.27
CA TYR B 11 -20.21 -11.29 -3.21
C TYR B 11 -20.61 -11.83 -4.57
N GLY B 12 -20.10 -11.20 -5.63
CA GLY B 12 -20.30 -11.70 -6.99
C GLY B 12 -19.24 -11.18 -7.94
N GLY B 13 -19.01 -11.87 -9.05
CA GLY B 13 -18.07 -11.41 -10.06
C GLY B 13 -17.21 -12.50 -10.69
N SER B 14 -17.08 -13.61 -9.98
CA SER B 14 -16.14 -14.67 -10.36
C SER B 14 -16.77 -16.08 -10.48
N LEU B 15 -18.08 -16.17 -10.26
CA LEU B 15 -18.74 -17.47 -10.31
C LEU B 15 -19.69 -17.55 -11.52
N TRP B 16 -19.21 -18.16 -12.60
CA TRP B 16 -19.93 -18.13 -13.86
C TRP B 16 -20.37 -19.51 -14.32
N SER B 17 -20.27 -20.48 -13.42
CA SER B 17 -20.70 -21.85 -13.69
C SER B 17 -21.25 -22.42 -12.39
N PRO B 18 -22.12 -23.45 -12.47
CA PRO B 18 -22.67 -24.06 -11.24
C PRO B 18 -21.55 -24.56 -10.34
N PRO B 19 -21.58 -24.21 -9.06
CA PRO B 19 -20.55 -24.73 -8.14
C PRO B 19 -20.60 -26.25 -8.09
N SER B 20 -19.50 -26.92 -8.40
CA SER B 20 -19.51 -28.37 -8.48
C SER B 20 -18.20 -28.99 -8.01
N ASN B 21 -17.26 -28.16 -7.57
CA ASN B 21 -15.92 -28.61 -7.25
C ASN B 21 -15.29 -27.76 -6.17
N TRP B 22 -14.65 -28.42 -5.21
CA TRP B 22 -13.99 -27.77 -4.07
C TRP B 22 -12.64 -28.46 -3.83
N ASN B 23 -12.09 -29.04 -4.89
CA ASN B 23 -10.83 -29.76 -4.83
C ASN B 23 -9.63 -28.80 -4.91
N PRO B 24 -8.84 -28.71 -3.82
CA PRO B 24 -7.68 -27.80 -3.82
C PRO B 24 -6.62 -28.19 -4.86
N PHE B 25 -6.66 -29.43 -5.32
CA PHE B 25 -5.72 -29.88 -6.35
C PHE B 25 -6.13 -29.48 -7.77
N THR B 26 -7.38 -29.05 -7.97
CA THR B 26 -7.86 -28.67 -9.30
C THR B 26 -8.38 -27.23 -9.31
N PRO B 27 -7.47 -26.25 -9.14
CA PRO B 27 -7.92 -24.87 -8.90
C PRO B 27 -8.71 -24.25 -10.07
N TRP B 28 -8.47 -24.72 -11.28
CA TRP B 28 -9.21 -24.23 -12.44
C TRP B 28 -10.71 -24.55 -12.33
N ASN B 29 -11.06 -25.53 -11.50
CA ASN B 29 -12.46 -25.93 -11.31
C ASN B 29 -13.06 -25.55 -9.96
N ALA B 30 -12.19 -25.32 -8.97
CA ALA B 30 -12.65 -25.10 -7.60
C ALA B 30 -13.39 -23.78 -7.46
N VAL B 31 -14.56 -23.84 -6.83
CA VAL B 31 -15.37 -22.65 -6.56
C VAL B 31 -14.55 -21.54 -5.92
N PRO B 32 -14.76 -20.28 -6.35
CA PRO B 32 -14.02 -19.17 -5.72
C PRO B 32 -14.17 -19.19 -4.19
N GLY B 33 -13.06 -18.98 -3.47
CA GLY B 33 -13.11 -18.99 -2.02
C GLY B 33 -12.63 -20.29 -1.41
N THR B 34 -12.68 -21.37 -2.19
CA THR B 34 -12.21 -22.66 -1.71
C THR B 34 -10.78 -22.54 -1.22
N THR B 35 -9.92 -22.03 -2.10
CA THR B 35 -8.62 -21.58 -1.66
C THR B 35 -8.79 -20.17 -1.10
N GLY B 36 -8.23 -19.93 0.08
CA GLY B 36 -8.33 -18.61 0.68
C GLY B 36 -9.30 -18.56 1.84
N LEU B 37 -10.49 -19.11 1.66
CA LEU B 37 -11.46 -19.11 2.76
C LEU B 37 -11.43 -20.46 3.50
N VAL B 38 -11.25 -21.56 2.76
CA VAL B 38 -11.20 -22.88 3.39
C VAL B 38 -9.78 -23.41 3.52
N TYR B 39 -9.04 -23.39 2.41
CA TYR B 39 -7.63 -23.81 2.44
C TYR B 39 -6.76 -22.57 2.55
N GLU B 40 -5.68 -22.67 3.32
CA GLU B 40 -4.81 -21.52 3.52
C GLU B 40 -3.46 -21.72 2.83
N THR B 41 -2.77 -20.62 2.56
CA THR B 41 -1.44 -20.65 1.97
C THR B 41 -0.40 -20.18 2.99
N MET B 42 0.88 -20.32 2.68
CA MET B 42 1.92 -20.02 3.66
C MET B 42 2.02 -18.53 3.96
N PHE B 43 1.74 -17.72 2.95
CA PHE B 43 1.81 -16.26 3.04
C PHE B 43 0.59 -15.65 2.36
N PHE B 44 0.22 -14.46 2.83
CA PHE B 44 -0.57 -13.51 2.03
C PHE B 44 0.36 -12.76 1.07
N TYR B 45 -0.19 -12.21 -0.02
CA TYR B 45 0.53 -11.27 -0.86
C TYR B 45 -0.31 -10.03 -1.02
N ASP B 46 0.31 -8.85 -0.96
CA ASP B 46 -0.46 -7.62 -1.10
C ASP B 46 -0.02 -6.85 -2.34
N PRO B 47 -0.82 -6.93 -3.42
CA PRO B 47 -0.43 -6.22 -4.64
C PRO B 47 -0.37 -4.69 -4.48
N LEU B 48 -0.95 -4.14 -3.43
CA LEU B 48 -0.89 -2.68 -3.22
C LEU B 48 0.53 -2.24 -2.86
N THR B 49 1.30 -3.13 -2.24
CA THR B 49 2.64 -2.79 -1.76
C THR B 49 3.74 -3.74 -2.26
N GLY B 50 3.37 -4.97 -2.62
CA GLY B 50 4.34 -6.01 -2.90
C GLY B 50 4.75 -6.82 -1.68
N ASN B 51 4.14 -6.55 -0.54
CA ASN B 51 4.52 -7.22 0.69
C ASN B 51 3.92 -8.62 0.80
N PHE B 52 4.72 -9.57 1.30
CA PHE B 52 4.24 -10.87 1.75
C PHE B 52 3.95 -10.79 3.24
N ASP B 53 2.78 -11.19 3.68
CA ASP B 53 2.54 -11.21 5.12
C ASP B 53 2.37 -12.65 5.61
N PRO B 54 3.01 -12.98 6.73
CA PRO B 54 2.98 -14.36 7.24
C PRO B 54 1.56 -14.84 7.53
N TRP B 55 1.21 -16.00 6.96
CA TRP B 55 -0.08 -16.62 7.24
C TRP B 55 0.16 -17.90 8.07
N LEU B 56 0.14 -19.07 7.42
CA LEU B 56 0.52 -20.30 8.09
C LEU B 56 1.96 -20.19 8.57
N ALA B 57 2.80 -19.64 7.70
CA ALA B 57 4.20 -19.41 7.99
C ALA B 57 4.34 -18.26 8.96
N GLU B 58 5.16 -18.43 9.99
CA GLU B 58 5.52 -17.33 10.86
C GLU B 58 6.66 -16.55 10.22
N LYS B 59 7.52 -17.26 9.48
CA LYS B 59 8.60 -16.64 8.73
C LYS B 59 9.05 -17.53 7.59
N GLY B 60 9.68 -16.93 6.59
CA GLY B 60 10.26 -17.67 5.49
C GLY B 60 11.52 -16.95 5.06
N GLU B 61 12.60 -17.69 4.88
CA GLU B 61 13.89 -17.09 4.57
C GLU B 61 14.72 -17.99 3.69
N TRP B 62 15.51 -17.36 2.83
CA TRP B 62 16.62 -18.01 2.16
C TRP B 62 17.79 -18.08 3.13
N LEU B 63 18.18 -19.30 3.52
CA LEU B 63 19.36 -19.49 4.35
C LEU B 63 20.64 -19.39 3.53
N ASP B 64 20.58 -19.86 2.29
CA ASP B 64 21.61 -19.61 1.29
C ASP B 64 20.94 -19.63 -0.08
N SER B 65 21.72 -19.63 -1.15
CA SER B 65 21.17 -19.46 -2.49
C SER B 65 20.25 -20.62 -2.90
N LYS B 66 20.34 -21.74 -2.20
CA LYS B 66 19.59 -22.94 -2.60
C LYS B 66 18.74 -23.52 -1.48
N THR B 67 18.67 -22.82 -0.35
CA THR B 67 17.93 -23.31 0.81
C THR B 67 16.94 -22.30 1.34
N TYR B 68 15.67 -22.68 1.33
CA TYR B 68 14.63 -21.82 1.88
C TYR B 68 13.97 -22.50 3.06
N ARG B 69 13.90 -21.80 4.19
CA ARG B 69 13.26 -22.37 5.36
C ARG B 69 12.01 -21.62 5.80
N VAL B 70 10.94 -22.37 5.95
CA VAL B 70 9.71 -21.87 6.54
C VAL B 70 9.60 -22.35 7.97
N VAL B 71 9.20 -21.47 8.86
CA VAL B 71 8.79 -21.88 10.19
C VAL B 71 7.31 -21.52 10.35
N LEU B 72 6.48 -22.53 10.59
CA LEU B 72 5.07 -22.33 10.83
C LEU B 72 4.83 -21.66 12.15
N ARG B 73 3.79 -20.84 12.22
CA ARG B 73 3.24 -20.37 13.48
C ARG B 73 2.84 -21.55 14.40
N GLU B 74 3.05 -21.39 15.69
CA GLU B 74 2.54 -22.35 16.65
C GLU B 74 1.03 -22.20 16.81
N GLY B 75 0.32 -23.32 16.86
CA GLY B 75 -1.08 -23.30 17.26
C GLY B 75 -2.06 -23.35 16.10
N ILE B 76 -1.59 -23.85 14.97
CA ILE B 76 -2.47 -23.98 13.81
C ILE B 76 -3.17 -25.33 13.85
N TYR B 77 -4.46 -25.33 13.51
CA TYR B 77 -5.26 -26.53 13.53
C TYR B 77 -6.12 -26.65 12.28
N TRP B 78 -6.21 -27.87 11.75
CA TRP B 78 -7.25 -28.23 10.82
C TRP B 78 -8.61 -28.09 11.48
N HIS B 79 -9.66 -28.01 10.67
CA HIS B 79 -10.98 -27.82 11.22
C HIS B 79 -11.46 -28.96 12.10
N ASP B 80 -10.85 -30.15 11.98
CA ASP B 80 -11.24 -31.28 12.83
C ASP B 80 -10.34 -31.36 14.05
N ASN B 81 -9.55 -30.31 14.26
CA ASN B 81 -8.66 -30.17 15.41
C ASN B 81 -7.40 -31.05 15.38
N VAL B 82 -7.12 -31.68 14.24
CA VAL B 82 -5.80 -32.26 14.05
C VAL B 82 -4.83 -31.10 13.87
N PRO B 83 -3.72 -31.09 14.63
CA PRO B 83 -2.79 -29.97 14.45
C PRO B 83 -2.25 -29.90 13.01
N LEU B 84 -2.03 -28.71 12.50
CA LEU B 84 -1.37 -28.54 11.19
C LEU B 84 0.11 -28.40 11.49
N THR B 85 0.92 -29.26 10.89
CA THR B 85 2.35 -29.29 11.20
C THR B 85 3.20 -29.21 9.94
N SER B 86 4.51 -29.18 10.14
CA SER B 86 5.43 -29.18 9.02
C SER B 86 5.23 -30.39 8.11
N GLU B 87 4.63 -31.46 8.64
CA GLU B 87 4.43 -32.67 7.85
C GLU B 87 3.31 -32.52 6.83
N ASP B 88 2.38 -31.61 7.10
CA ASP B 88 1.37 -31.30 6.08
C ASP B 88 1.98 -30.51 4.93
N VAL B 89 2.92 -29.63 5.25
CA VAL B 89 3.56 -28.85 4.21
C VAL B 89 4.40 -29.79 3.38
N ARG B 90 5.17 -30.65 4.05
CA ARG B 90 5.97 -31.65 3.39
C ARG B 90 5.10 -32.51 2.48
N PHE B 91 3.98 -32.98 3.02
CA PHE B 91 3.06 -33.81 2.25
C PHE B 91 2.53 -33.07 1.01
N THR B 92 2.12 -31.82 1.20
CA THR B 92 1.56 -31.03 0.10
C THR B 92 2.46 -31.05 -1.13
N PHE B 93 3.77 -30.92 -0.92
CA PHE B 93 4.70 -31.03 -2.03
C PHE B 93 4.93 -32.47 -2.47
N GLU B 94 5.19 -33.37 -1.52
CA GLU B 94 5.66 -34.70 -1.88
C GLU B 94 4.60 -35.56 -2.56
N ILE B 95 3.33 -35.28 -2.30
CA ILE B 95 2.25 -36.05 -2.90
C ILE B 95 2.26 -35.81 -4.42
N ALA B 96 2.80 -34.65 -4.81
CA ALA B 96 2.96 -34.32 -6.22
C ALA B 96 4.18 -35.02 -6.80
N LYS B 97 5.17 -35.32 -5.97
CA LYS B 97 6.28 -36.15 -6.43
C LYS B 97 5.82 -37.59 -6.66
N LYS B 98 4.95 -38.07 -5.78
CA LYS B 98 4.42 -39.43 -5.85
C LYS B 98 3.48 -39.59 -7.05
N TYR B 99 2.59 -38.63 -7.21
CA TYR B 99 1.60 -38.64 -8.29
C TYR B 99 1.83 -37.47 -9.25
N LYS B 100 2.63 -37.71 -10.30
CA LYS B 100 3.06 -36.65 -11.21
C LYS B 100 1.91 -35.97 -11.97
N GLY B 101 0.73 -36.58 -11.94
CA GLY B 101 -0.43 -36.02 -12.60
C GLY B 101 -0.96 -34.79 -11.90
N ILE B 102 -0.53 -34.58 -10.66
CA ILE B 102 -0.88 -33.37 -9.91
C ILE B 102 -0.19 -32.18 -10.60
N HIS B 103 -0.90 -31.07 -10.73
CA HIS B 103 -0.47 -30.02 -11.65
C HIS B 103 0.85 -29.35 -11.25
N TYR B 104 1.21 -29.36 -9.98
CA TYR B 104 2.46 -28.71 -9.59
C TYR B 104 3.60 -29.71 -9.37
N SER B 105 3.49 -30.90 -9.95
CA SER B 105 4.50 -31.93 -9.78
C SER B 105 5.82 -31.58 -10.46
N SER B 106 5.81 -30.57 -11.32
CA SER B 106 7.04 -30.21 -12.05
C SER B 106 7.96 -29.42 -11.14
N VAL B 107 7.47 -29.05 -9.95
CA VAL B 107 8.33 -28.40 -8.98
C VAL B 107 9.52 -29.30 -8.64
N TRP B 108 9.31 -30.61 -8.69
CA TRP B 108 10.37 -31.54 -8.33
C TRP B 108 11.44 -31.69 -9.42
N GLU B 109 11.30 -30.93 -10.50
CA GLU B 109 12.39 -30.84 -11.47
C GLU B 109 13.52 -29.97 -10.93
N TRP B 110 13.20 -29.11 -9.97
CA TRP B 110 14.18 -28.17 -9.43
C TRP B 110 14.26 -28.15 -7.90
N LEU B 111 13.22 -28.65 -7.25
CA LEU B 111 13.28 -28.89 -5.81
C LEU B 111 13.90 -30.25 -5.56
N ASP B 112 14.91 -30.32 -4.70
CA ASP B 112 15.61 -31.59 -4.50
C ASP B 112 15.00 -32.45 -3.41
N HIS B 113 14.84 -31.88 -2.21
CA HIS B 113 14.23 -32.59 -1.09
C HIS B 113 13.79 -31.63 0.00
N ILE B 114 12.96 -32.14 0.91
CA ILE B 114 12.41 -31.36 1.99
C ILE B 114 12.84 -31.95 3.33
N GLU B 115 13.25 -31.10 4.27
CA GLU B 115 13.57 -31.56 5.62
C GLU B 115 12.60 -30.96 6.64
N THR B 116 12.33 -31.70 7.71
CA THR B 116 11.42 -31.25 8.76
C THR B 116 11.99 -31.64 10.12
N PRO B 117 12.89 -30.81 10.66
CA PRO B 117 13.61 -31.15 11.90
C PRO B 117 12.73 -31.05 13.13
N ASP B 118 11.61 -30.32 13.04
CA ASP B 118 10.61 -30.36 14.09
C ASP B 118 9.23 -30.12 13.47
N ASN B 119 8.19 -30.10 14.30
CA ASN B 119 6.83 -30.03 13.77
C ASN B 119 6.44 -28.66 13.24
N ARG B 120 7.34 -27.68 13.36
CA ARG B 120 7.07 -26.32 12.83
C ARG B 120 7.97 -25.94 11.64
N THR B 121 9.09 -26.64 11.48
CA THR B 121 10.09 -26.25 10.51
C THR B 121 10.09 -27.09 9.24
N VAL B 122 10.09 -26.41 8.11
CA VAL B 122 10.13 -27.01 6.78
C VAL B 122 11.28 -26.45 5.98
N ILE B 123 12.24 -27.29 5.62
CA ILE B 123 13.39 -26.81 4.85
C ILE B 123 13.37 -27.34 3.42
N PHE B 124 13.31 -26.43 2.48
CA PHE B 124 13.32 -26.79 1.07
C PHE B 124 14.74 -26.65 0.52
N VAL B 125 15.28 -27.75 -0.01
CA VAL B 125 16.60 -27.71 -0.62
C VAL B 125 16.47 -27.91 -2.13
N PHE B 126 16.95 -26.92 -2.88
CA PHE B 126 16.77 -26.89 -4.33
C PHE B 126 18.02 -27.29 -5.08
N LYS B 127 17.84 -28.08 -6.14
CA LYS B 127 18.92 -28.31 -7.10
C LYS B 127 19.11 -27.03 -7.93
N ASP B 128 18.00 -26.49 -8.41
CA ASP B 128 17.98 -25.33 -9.29
C ASP B 128 16.92 -24.35 -8.80
N PRO B 129 17.30 -23.44 -7.90
CA PRO B 129 16.32 -22.53 -7.29
C PRO B 129 15.69 -21.57 -8.31
N ARG B 130 14.38 -21.67 -8.48
CA ARG B 130 13.69 -20.79 -9.42
C ARG B 130 12.92 -19.77 -8.60
N TYR B 131 13.60 -18.64 -8.34
CA TYR B 131 13.16 -17.66 -7.35
C TYR B 131 11.80 -17.01 -7.68
N HIS B 132 11.57 -16.66 -8.94
CA HIS B 132 10.31 -16.00 -9.31
C HIS B 132 9.11 -16.94 -9.10
N GLU B 133 9.19 -18.11 -9.69
CA GLU B 133 8.15 -19.13 -9.52
C GLU B 133 7.93 -19.47 -8.04
N TRP B 134 9.02 -19.55 -7.29
CA TRP B 134 8.95 -19.89 -5.87
C TRP B 134 8.21 -18.81 -5.08
N ASN B 135 8.49 -17.54 -5.36
CA ASN B 135 7.80 -16.45 -4.69
C ASN B 135 6.28 -16.56 -4.85
N GLU B 136 5.85 -16.87 -6.07
CA GLU B 136 4.44 -17.06 -6.34
C GLU B 136 3.85 -18.29 -5.61
N LEU B 137 4.59 -19.39 -5.59
CA LEU B 137 4.12 -20.58 -4.87
C LEU B 137 3.85 -20.29 -3.40
N LEU B 138 4.68 -19.43 -2.81
CA LEU B 138 4.59 -19.11 -1.40
C LEU B 138 3.21 -18.59 -1.00
N TYR B 139 2.52 -17.90 -1.91
CA TYR B 139 1.19 -17.39 -1.58
C TYR B 139 0.09 -17.95 -2.48
N THR B 140 0.38 -18.96 -3.29
CA THR B 140 -0.66 -19.50 -4.14
C THR B 140 -0.93 -20.98 -3.89
N LEU B 141 0.04 -21.69 -3.34
CA LEU B 141 -0.11 -23.13 -3.15
C LEU B 141 -0.83 -23.43 -1.84
N PRO B 142 -2.05 -24.00 -1.92
CA PRO B 142 -2.80 -24.31 -0.70
C PRO B 142 -2.19 -25.51 0.04
N ILE B 143 -2.09 -25.40 1.36
CA ILE B 143 -1.58 -26.52 2.16
C ILE B 143 -2.76 -27.44 2.47
N VAL B 144 -2.59 -28.72 2.18
CA VAL B 144 -3.66 -29.70 2.28
C VAL B 144 -3.34 -30.69 3.40
N PRO B 145 -4.38 -31.29 3.99
CA PRO B 145 -4.18 -32.16 5.16
C PRO B 145 -3.70 -33.57 4.82
N LYS B 146 -2.50 -33.89 5.28
CA LYS B 146 -1.94 -35.21 5.12
C LYS B 146 -2.89 -36.32 5.62
N HIS B 147 -3.49 -36.12 6.79
CA HIS B 147 -4.31 -37.20 7.41
C HIS B 147 -5.57 -37.47 6.61
N ILE B 148 -5.84 -36.65 5.60
CA ILE B 148 -7.03 -36.85 4.79
C ILE B 148 -6.71 -37.39 3.40
N TRP B 149 -5.61 -36.95 2.83
CA TRP B 149 -5.31 -37.29 1.44
C TRP B 149 -4.28 -38.41 1.26
N GLU B 150 -3.59 -38.77 2.34
CA GLU B 150 -2.40 -39.61 2.23
C GLU B 150 -2.67 -41.05 1.79
N GLU B 151 -3.90 -41.50 1.85
CA GLU B 151 -4.18 -42.80 1.26
C GLU B 151 -5.29 -42.78 0.22
N LYS B 152 -5.45 -41.64 -0.44
CA LYS B 152 -6.23 -41.59 -1.65
C LYS B 152 -5.32 -41.94 -2.82
N ASP B 153 -5.83 -42.65 -3.82
CA ASP B 153 -5.03 -42.88 -5.00
C ASP B 153 -5.12 -41.65 -5.91
N GLU B 154 -4.30 -41.63 -6.95
CA GLU B 154 -4.15 -40.49 -7.85
C GLU B 154 -5.46 -40.10 -8.52
N THR B 155 -6.22 -41.10 -8.95
CA THR B 155 -7.50 -40.89 -9.62
C THR B 155 -8.49 -40.16 -8.71
N THR B 156 -8.49 -40.54 -7.44
CA THR B 156 -9.40 -39.95 -6.46
C THR B 156 -9.00 -38.51 -6.19
N ILE B 157 -7.70 -38.29 -6.02
CA ILE B 157 -7.16 -36.95 -5.77
C ILE B 157 -7.43 -36.01 -6.94
N LEU B 158 -7.34 -36.54 -8.16
CA LEU B 158 -7.46 -35.73 -9.36
C LEU B 158 -8.91 -35.44 -9.72
N GLN B 159 -9.80 -36.39 -9.46
CA GLN B 159 -11.16 -36.29 -9.99
C GLN B 159 -12.22 -36.02 -8.91
N SER B 160 -11.85 -36.07 -7.65
CA SER B 160 -12.79 -35.82 -6.56
C SER B 160 -13.39 -34.40 -6.61
N SER B 161 -14.67 -34.30 -6.34
CA SER B 161 -15.33 -33.01 -6.13
C SER B 161 -14.99 -32.40 -4.79
N ASN B 162 -14.63 -33.25 -3.83
CA ASN B 162 -14.22 -32.82 -2.49
C ASN B 162 -15.30 -31.94 -1.85
N GLU B 163 -16.55 -32.36 -1.94
CA GLU B 163 -17.63 -31.67 -1.20
C GLU B 163 -17.31 -31.55 0.28
N TYR B 164 -17.74 -30.45 0.89
CA TYR B 164 -17.43 -30.16 2.31
C TYR B 164 -15.93 -30.32 2.59
N PRO B 165 -15.10 -29.52 1.89
CA PRO B 165 -13.63 -29.62 2.03
C PRO B 165 -13.17 -29.44 3.48
N LEU B 166 -12.29 -30.32 3.95
CA LEU B 166 -11.67 -30.19 5.27
C LEU B 166 -10.43 -29.35 5.13
N GLY B 167 -10.48 -28.15 5.69
CA GLY B 167 -9.35 -27.24 5.58
C GLY B 167 -8.98 -26.69 6.93
N SER B 168 -8.31 -25.55 6.94
CA SER B 168 -7.87 -24.94 8.19
C SER B 168 -8.21 -23.46 8.23
N GLY B 169 -8.91 -22.97 7.21
CA GLY B 169 -9.13 -21.53 7.05
C GLY B 169 -10.30 -20.95 7.85
N PRO B 170 -10.61 -19.67 7.62
CA PRO B 170 -11.64 -18.96 8.39
C PRO B 170 -13.08 -19.39 8.08
N TYR B 171 -13.30 -20.15 7.01
CA TYR B 171 -14.66 -20.54 6.61
C TYR B 171 -14.75 -22.01 6.28
N VAL B 172 -15.97 -22.54 6.29
CA VAL B 172 -16.27 -23.87 5.80
C VAL B 172 -17.37 -23.75 4.75
N ALA B 173 -17.49 -24.76 3.90
CA ALA B 173 -18.68 -24.88 3.05
C ALA B 173 -19.93 -25.00 3.90
N HIS B 174 -21.00 -24.31 3.52
CA HIS B 174 -22.27 -24.46 4.21
C HIS B 174 -23.27 -25.17 3.29
N SER B 175 -23.48 -24.61 2.10
CA SER B 175 -24.48 -25.14 1.17
C SER B 175 -24.30 -24.49 -0.18
N TRP B 176 -24.96 -25.03 -1.19
CA TRP B 176 -24.82 -24.50 -2.55
C TRP B 176 -25.93 -25.02 -3.43
N ASP B 177 -26.08 -24.38 -4.59
CA ASP B 177 -26.93 -24.88 -5.66
C ASP B 177 -26.40 -24.26 -6.98
N GLN B 178 -27.18 -24.35 -8.05
CA GLN B 178 -26.71 -23.88 -9.36
C GLN B 178 -26.38 -22.39 -9.41
N ASN B 179 -26.97 -21.61 -8.51
CA ASN B 179 -26.87 -20.14 -8.56
C ASN B 179 -26.02 -19.49 -7.47
N LYS B 180 -25.56 -20.27 -6.49
CA LYS B 180 -24.75 -19.67 -5.42
C LYS B 180 -23.96 -20.70 -4.61
N MET B 181 -22.86 -20.24 -4.03
CA MET B 181 -22.08 -20.98 -3.05
C MET B 181 -22.16 -20.26 -1.70
N ILE B 182 -22.54 -20.97 -0.65
CA ILE B 182 -22.57 -20.36 0.66
C ILE B 182 -21.46 -20.88 1.58
N PHE B 183 -20.61 -19.97 2.05
CA PHE B 183 -19.65 -20.28 3.10
C PHE B 183 -20.12 -19.79 4.46
N GLU B 184 -19.80 -20.55 5.50
CA GLU B 184 -20.10 -20.13 6.87
C GLU B 184 -18.80 -19.95 7.63
N ARG B 185 -18.74 -18.90 8.45
CA ARG B 185 -17.54 -18.61 9.21
C ARG B 185 -17.25 -19.78 10.15
N PHE B 186 -16.02 -20.29 10.12
CA PHE B 186 -15.64 -21.33 11.07
C PHE B 186 -15.25 -20.67 12.38
N GLU B 187 -16.14 -20.72 13.37
CA GLU B 187 -15.96 -19.95 14.60
C GLU B 187 -14.78 -20.37 15.48
N ASN B 188 -14.25 -21.58 15.32
N ASN B 188 -14.30 -21.60 15.30
CA ASN B 188 -13.07 -21.96 16.10
CA ASN B 188 -13.14 -22.11 16.03
C ASN B 188 -11.75 -21.81 15.33
C ASN B 188 -11.78 -21.87 15.31
N TRP B 189 -11.80 -21.12 14.19
CA TRP B 189 -10.59 -20.87 13.39
C TRP B 189 -9.32 -20.54 14.19
N TRP B 190 -8.24 -21.29 13.97
CA TRP B 190 -6.99 -21.05 14.65
C TRP B 190 -6.53 -19.60 14.45
N GLY B 191 -6.84 -19.04 13.28
CA GLY B 191 -6.42 -17.70 12.92
C GLY B 191 -6.86 -16.63 13.90
N THR B 192 -8.05 -16.81 14.48
CA THR B 192 -8.59 -15.82 15.40
C THR B 192 -7.86 -15.89 16.73
N LYS B 193 -7.53 -17.10 17.16
CA LYS B 193 -6.79 -17.31 18.38
C LYS B 193 -5.38 -16.74 18.27
N VAL B 194 -4.69 -17.08 17.17
CA VAL B 194 -3.27 -16.71 17.04
C VAL B 194 -3.07 -15.30 16.45
N MET B 195 -3.78 -14.96 15.37
CA MET B 195 -3.52 -13.68 14.72
C MET B 195 -4.45 -12.56 15.19
N GLY B 196 -5.46 -12.91 15.97
CA GLY B 196 -6.40 -11.93 16.48
C GLY B 196 -7.26 -11.24 15.43
N VAL B 197 -7.42 -11.87 14.27
CA VAL B 197 -8.33 -11.33 13.25
C VAL B 197 -9.54 -12.25 13.13
N LYS B 198 -10.68 -11.69 12.73
CA LYS B 198 -11.92 -12.45 12.54
C LYS B 198 -12.77 -11.82 11.41
N PRO B 199 -13.16 -12.61 10.39
CA PRO B 199 -13.98 -12.04 9.30
C PRO B 199 -15.35 -11.71 9.83
N ALA B 200 -15.81 -10.51 9.51
CA ALA B 200 -17.06 -10.01 10.10
C ALA B 200 -18.34 -10.77 9.69
N PRO B 201 -18.46 -11.20 8.41
CA PRO B 201 -19.71 -11.88 8.04
C PRO B 201 -19.75 -13.33 8.48
N LYS B 202 -20.85 -13.73 9.11
CA LYS B 202 -21.01 -15.13 9.47
C LYS B 202 -21.17 -15.96 8.20
N TYR B 203 -21.82 -15.39 7.18
CA TYR B 203 -22.00 -16.09 5.92
C TYR B 203 -21.47 -15.27 4.76
N VAL B 204 -20.71 -15.92 3.90
CA VAL B 204 -20.27 -15.32 2.66
C VAL B 204 -20.92 -16.09 1.52
N VAL B 205 -21.69 -15.38 0.70
CA VAL B 205 -22.35 -16.01 -0.43
C VAL B 205 -21.69 -15.55 -1.73
N ILE B 206 -21.22 -16.51 -2.53
CA ILE B 206 -20.73 -16.23 -3.87
C ILE B 206 -21.90 -16.40 -4.82
N VAL B 207 -22.39 -15.28 -5.34
CA VAL B 207 -23.58 -15.29 -6.20
C VAL B 207 -23.22 -15.53 -7.65
N ARG B 208 -23.89 -16.52 -8.26
CA ARG B 208 -23.81 -16.72 -9.70
C ARG B 208 -24.97 -16.05 -10.42
N VAL B 209 -24.66 -15.53 -11.59
CA VAL B 209 -25.55 -14.64 -12.30
C VAL B 209 -25.37 -14.83 -13.80
N LEU B 210 -26.46 -14.70 -14.56
CA LEU B 210 -26.41 -14.88 -16.01
C LEU B 210 -25.52 -13.88 -16.74
N SER B 211 -25.70 -12.60 -16.44
CA SER B 211 -24.91 -11.57 -17.12
C SER B 211 -24.60 -10.44 -16.17
N ASN B 212 -23.69 -9.57 -16.57
CA ASN B 212 -23.42 -8.37 -15.79
C ASN B 212 -24.68 -7.55 -15.54
N ASN B 213 -25.62 -7.58 -16.47
CA ASN B 213 -26.84 -6.80 -16.29
C ASN B 213 -27.70 -7.29 -15.12
N VAL B 214 -27.75 -8.60 -14.89
CA VAL B 214 -28.46 -9.12 -13.72
C VAL B 214 -27.78 -8.62 -12.46
N ALA B 215 -26.45 -8.62 -12.46
CA ALA B 215 -25.66 -8.15 -11.33
C ALA B 215 -25.96 -6.70 -11.02
N LEU B 216 -26.13 -5.92 -12.09
CA LEU B 216 -26.44 -4.50 -11.94
C LEU B 216 -27.74 -4.30 -11.16
N GLY B 217 -28.78 -5.03 -11.57
CA GLY B 217 -30.05 -5.01 -10.86
C GLY B 217 -29.89 -5.36 -9.39
N MET B 218 -29.07 -6.37 -9.10
CA MET B 218 -28.92 -6.83 -7.73
C MET B 218 -28.25 -5.76 -6.89
N LEU B 219 -27.22 -5.12 -7.45
CA LEU B 219 -26.51 -4.09 -6.71
C LEU B 219 -27.44 -2.93 -6.38
N MET B 220 -28.26 -2.55 -7.36
CA MET B 220 -29.21 -1.46 -7.19
C MET B 220 -30.23 -1.76 -6.10
N LYS B 221 -30.65 -3.02 -6.00
CA LYS B 221 -31.63 -3.41 -5.00
C LYS B 221 -30.99 -3.62 -3.63
N GLY B 222 -29.67 -3.49 -3.56
CA GLY B 222 -28.93 -3.76 -2.34
C GLY B 222 -28.76 -5.25 -2.05
N GLU B 223 -28.85 -6.08 -3.09
CA GLU B 223 -28.74 -7.53 -2.96
C GLU B 223 -27.31 -8.02 -3.16
N LEU B 224 -26.42 -7.08 -3.45
CA LEU B 224 -25.02 -7.39 -3.60
C LEU B 224 -24.27 -6.43 -2.67
N ASP B 225 -23.30 -6.93 -1.91
CA ASP B 225 -22.49 -6.09 -1.03
C ASP B 225 -21.15 -5.77 -1.68
N PHE B 226 -20.56 -6.79 -2.29
CA PHE B 226 -19.20 -6.68 -2.76
C PHE B 226 -19.17 -7.26 -4.18
N SER B 227 -19.14 -6.34 -5.14
CA SER B 227 -19.27 -6.66 -6.57
C SER B 227 -17.98 -6.49 -7.35
N ASN B 228 -17.50 -7.59 -7.95
CA ASN B 228 -16.36 -7.57 -8.87
C ASN B 228 -16.83 -7.58 -10.34
N PHE B 229 -18.14 -7.56 -10.58
CA PHE B 229 -18.68 -7.50 -11.94
C PHE B 229 -18.29 -6.21 -12.63
N MET B 230 -17.97 -6.27 -13.94
N MET B 230 -17.99 -6.24 -13.93
CA MET B 230 -17.91 -5.04 -14.73
CA MET B 230 -17.78 -4.99 -14.67
C MET B 230 -19.30 -4.47 -14.78
C MET B 230 -19.13 -4.36 -14.98
N LEU B 231 -19.45 -3.24 -14.34
CA LEU B 231 -20.74 -2.57 -14.51
C LEU B 231 -20.59 -1.26 -15.30
N PRO B 232 -21.57 -0.97 -16.19
CA PRO B 232 -21.50 0.25 -16.99
C PRO B 232 -21.90 1.47 -16.17
N GLY B 233 -21.54 2.66 -16.64
CA GLY B 233 -22.00 3.90 -16.03
C GLY B 233 -21.45 4.18 -14.63
N VAL B 234 -20.21 3.78 -14.40
CA VAL B 234 -19.60 4.01 -13.09
C VAL B 234 -19.70 5.46 -12.62
N PRO B 235 -19.41 6.46 -13.50
CA PRO B 235 -19.62 7.85 -13.08
C PRO B 235 -21.00 8.09 -12.49
N ILE B 236 -22.01 7.46 -13.08
CA ILE B 236 -23.38 7.60 -12.59
C ILE B 236 -23.58 6.80 -11.31
N LEU B 237 -23.05 5.58 -11.28
CA LEU B 237 -23.08 4.75 -10.08
C LEU B 237 -22.52 5.52 -8.90
N LYS B 238 -21.43 6.23 -9.17
CA LYS B 238 -20.79 7.09 -8.17
C LYS B 238 -21.59 8.35 -7.87
N LYS B 239 -21.73 9.22 -8.88
CA LYS B 239 -22.26 10.57 -8.64
C LYS B 239 -23.74 10.60 -8.23
N VAL B 240 -24.51 9.59 -8.63
CA VAL B 240 -25.94 9.62 -8.41
C VAL B 240 -26.35 8.69 -7.29
N TYR B 241 -25.90 7.44 -7.40
CA TYR B 241 -26.29 6.39 -6.46
C TYR B 241 -25.33 6.30 -5.27
N ASN B 242 -24.23 7.05 -5.37
CA ASN B 242 -23.21 7.12 -4.32
C ASN B 242 -22.57 5.78 -3.95
N LEU B 243 -22.36 4.94 -4.95
CA LEU B 243 -21.74 3.66 -4.69
C LEU B 243 -20.23 3.86 -4.64
N ASN B 244 -19.58 3.07 -3.82
CA ASN B 244 -18.15 3.16 -3.60
C ASN B 244 -17.35 2.50 -4.73
N THR B 245 -16.35 3.21 -5.24
CA THR B 245 -15.32 2.61 -6.11
C THR B 245 -13.98 2.99 -5.51
N TRP B 246 -12.89 2.35 -5.96
CA TRP B 246 -11.57 2.70 -5.42
C TRP B 246 -11.24 4.18 -5.58
N TYR B 247 -11.32 4.71 -6.81
CA TYR B 247 -10.93 6.10 -7.05
C TYR B 247 -12.15 6.99 -7.22
N ASP B 248 -12.06 8.21 -6.72
CA ASP B 248 -13.09 9.21 -6.93
C ASP B 248 -13.15 9.60 -8.40
N GLU B 249 -12.01 9.59 -9.06
CA GLU B 249 -11.89 10.10 -10.43
C GLU B 249 -11.52 8.97 -11.39
N PRO B 250 -11.63 9.21 -12.70
CA PRO B 250 -11.19 8.18 -13.65
C PRO B 250 -9.77 7.73 -13.33
N PRO B 251 -9.45 6.45 -13.51
CA PRO B 251 -10.29 5.39 -14.11
C PRO B 251 -11.25 4.68 -13.12
N TYR B 252 -11.49 5.25 -11.93
CA TYR B 252 -12.40 4.69 -10.91
C TYR B 252 -11.93 3.37 -10.28
N HIS B 253 -11.46 2.43 -11.08
CA HIS B 253 -11.03 1.13 -10.58
C HIS B 253 -9.52 0.96 -10.69
N LEU B 254 -8.96 0.17 -9.78
CA LEU B 254 -7.60 -0.31 -9.92
C LEU B 254 -7.48 -1.11 -11.22
N SER B 255 -6.24 -1.24 -11.71
CA SER B 255 -5.93 -2.11 -12.84
C SER B 255 -5.38 -3.43 -12.33
N SER B 256 -5.89 -4.53 -12.85
CA SER B 256 -5.44 -5.81 -12.32
C SER B 256 -4.93 -6.81 -13.33
N THR B 257 -5.35 -6.70 -14.60
CA THR B 257 -5.00 -7.71 -15.60
C THR B 257 -4.59 -7.08 -16.92
N VAL B 258 -3.93 -7.87 -17.77
CA VAL B 258 -3.70 -7.44 -19.13
C VAL B 258 -4.71 -8.16 -20.02
N VAL B 259 -5.65 -7.39 -20.57
CA VAL B 259 -6.64 -7.95 -21.47
C VAL B 259 -6.11 -7.93 -22.90
N GLY B 260 -6.17 -9.08 -23.55
CA GLY B 260 -5.65 -9.21 -24.90
C GLY B 260 -6.27 -10.33 -25.69
N LEU B 261 -5.73 -10.54 -26.89
CA LEU B 261 -6.18 -11.59 -27.78
C LEU B 261 -5.14 -12.67 -27.90
N PHE B 262 -5.50 -13.88 -27.50
CA PHE B 262 -4.71 -15.03 -27.89
C PHE B 262 -5.14 -15.44 -29.29
N LEU B 263 -4.16 -15.83 -30.10
CA LEU B 263 -4.44 -16.30 -31.44
C LEU B 263 -4.02 -17.75 -31.54
N ASN B 264 -4.86 -18.56 -32.18
CA ASN B 264 -4.56 -19.96 -32.44
C ASN B 264 -3.49 -20.09 -33.52
N ALA B 265 -2.25 -20.29 -33.06
CA ALA B 265 -1.09 -20.45 -33.94
C ALA B 265 -1.15 -21.72 -34.78
N ARG B 266 -2.11 -22.60 -34.49
CA ARG B 266 -2.21 -23.86 -35.23
C ARG B 266 -3.32 -23.83 -36.27
N LYS B 267 -4.04 -22.71 -36.33
CA LYS B 267 -5.12 -22.56 -37.28
C LYS B 267 -4.78 -21.53 -38.38
N TYR B 268 -4.86 -21.97 -39.64
CA TYR B 268 -4.62 -21.09 -40.78
C TYR B 268 -5.76 -20.07 -40.96
N PRO B 269 -5.43 -18.79 -41.18
CA PRO B 269 -4.11 -18.23 -41.41
C PRO B 269 -3.51 -17.53 -40.17
N LEU B 270 -4.07 -17.79 -39.00
CA LEU B 270 -3.52 -17.23 -37.76
C LEU B 270 -2.17 -17.84 -37.44
N SER B 271 -1.88 -18.97 -38.08
CA SER B 271 -0.60 -19.64 -37.96
C SER B 271 0.51 -18.80 -38.56
N LEU B 272 0.13 -17.92 -39.48
CA LEU B 272 1.06 -16.98 -40.11
C LEU B 272 1.31 -15.77 -39.22
N PRO B 273 2.57 -15.58 -38.79
CA PRO B 273 2.94 -14.39 -38.01
C PRO B 273 2.55 -13.08 -38.71
N GLU B 274 2.77 -12.98 -40.02
CA GLU B 274 2.42 -11.76 -40.76
C GLU B 274 0.93 -11.46 -40.64
N PHE B 275 0.11 -12.50 -40.73
CA PHE B 275 -1.32 -12.34 -40.59
C PHE B 275 -1.68 -11.88 -39.18
N ARG B 276 -0.94 -12.33 -38.17
CA ARG B 276 -1.17 -11.84 -36.81
C ARG B 276 -0.76 -10.38 -36.65
N ARG B 277 0.35 -9.99 -37.31
N ARG B 277 0.31 -9.99 -37.33
CA ARG B 277 0.76 -8.59 -37.34
CA ARG B 277 0.78 -8.60 -37.32
C ARG B 277 -0.37 -7.75 -37.89
C ARG B 277 -0.26 -7.68 -37.98
N ALA B 278 -0.91 -8.18 -39.02
CA ALA B 278 -1.97 -7.47 -39.70
C ALA B 278 -3.15 -7.24 -38.77
N ILE B 279 -3.46 -8.25 -37.96
CA ILE B 279 -4.55 -8.14 -37.00
C ILE B 279 -4.25 -7.11 -35.92
N ALA B 280 -3.05 -7.17 -35.35
CA ALA B 280 -2.65 -6.18 -34.35
C ALA B 280 -2.71 -4.76 -34.89
N MET B 281 -2.14 -4.54 -36.07
CA MET B 281 -2.17 -3.21 -36.69
C MET B 281 -3.58 -2.75 -37.11
N SER B 282 -4.54 -3.68 -37.10
CA SER B 282 -5.90 -3.38 -37.50
C SER B 282 -6.74 -2.89 -36.34
N ILE B 283 -6.28 -3.15 -35.11
CA ILE B 283 -7.08 -2.92 -33.92
C ILE B 283 -6.71 -1.63 -33.20
N ASN B 284 -7.73 -0.83 -32.90
CA ASN B 284 -7.56 0.42 -32.14
C ASN B 284 -8.37 0.36 -30.86
N ALA B 285 -7.70 0.15 -29.73
CA ALA B 285 -8.41 -0.01 -28.46
C ALA B 285 -9.02 1.30 -27.95
N ASP B 286 -8.67 2.42 -28.57
CA ASP B 286 -9.19 3.71 -28.13
C ASP B 286 -10.73 3.78 -28.06
N PRO B 287 -11.45 3.41 -29.15
CA PRO B 287 -12.91 3.42 -29.00
C PRO B 287 -13.45 2.39 -28.01
N ILE B 288 -12.68 1.34 -27.76
CA ILE B 288 -13.07 0.37 -26.75
C ILE B 288 -13.02 1.00 -25.35
N VAL B 289 -11.89 1.63 -25.05
CA VAL B 289 -11.71 2.34 -23.79
C VAL B 289 -12.79 3.42 -23.61
N GLN B 290 -13.08 4.17 -24.68
CA GLN B 290 -14.07 5.24 -24.63
C GLN B 290 -15.53 4.76 -24.61
N ARG B 291 -15.90 3.86 -25.53
CA ARG B 291 -17.29 3.43 -25.67
C ARG B 291 -17.71 2.37 -24.67
N VAL B 292 -16.89 1.32 -24.54
CA VAL B 292 -17.24 0.22 -23.66
C VAL B 292 -17.01 0.56 -22.18
N TYR B 293 -15.94 1.28 -21.88
CA TYR B 293 -15.54 1.49 -20.48
C TYR B 293 -15.66 2.92 -20.01
N GLU B 294 -15.91 3.86 -20.93
CA GLU B 294 -16.04 5.27 -20.56
C GLU B 294 -14.86 5.75 -19.71
N GLY B 295 -13.65 5.29 -20.05
CA GLY B 295 -12.45 5.67 -19.32
C GLY B 295 -12.23 4.95 -18.01
N ALA B 296 -12.97 3.87 -17.77
CA ALA B 296 -12.78 3.11 -16.54
C ALA B 296 -11.65 2.09 -16.69
N VAL B 297 -10.96 2.11 -17.82
CA VAL B 297 -9.74 1.30 -18.02
C VAL B 297 -8.65 2.10 -18.71
N LEU B 298 -7.43 1.58 -18.67
CA LEU B 298 -6.29 2.18 -19.36
C LEU B 298 -5.82 1.32 -20.55
N LYS B 299 -5.52 1.99 -21.66
CA LYS B 299 -5.05 1.34 -22.87
C LYS B 299 -3.63 0.78 -22.72
N ALA B 300 -3.40 -0.41 -23.28
CA ALA B 300 -2.09 -1.08 -23.23
C ALA B 300 -1.16 -0.60 -24.35
N ASP B 301 0.12 -0.44 -24.03
CA ASP B 301 1.13 -0.31 -25.08
C ASP B 301 1.40 -1.72 -25.66
N PRO B 302 2.28 -1.85 -26.66
CA PRO B 302 2.27 -3.20 -27.25
C PRO B 302 2.84 -4.31 -26.38
N LEU B 303 3.66 -3.97 -25.37
CA LEU B 303 4.26 -5.00 -24.52
C LEU B 303 3.22 -5.51 -23.53
N GLY B 304 2.49 -4.59 -22.91
CA GLY B 304 1.43 -4.95 -21.99
C GLY B 304 1.83 -5.11 -20.53
N PHE B 305 2.93 -4.47 -20.11
CA PHE B 305 3.28 -4.51 -18.69
C PHE B 305 2.29 -3.63 -17.94
N LEU B 306 1.66 -4.18 -16.89
CA LEU B 306 0.80 -3.40 -16.00
C LEU B 306 1.52 -2.18 -15.43
N PRO B 307 0.99 -0.97 -15.69
CA PRO B 307 1.73 0.23 -15.24
C PRO B 307 1.79 0.35 -13.71
N ASN B 308 0.85 -0.27 -13.01
CA ASN B 308 0.84 -0.22 -11.54
C ASN B 308 1.52 -1.43 -10.91
N SER B 309 2.25 -2.20 -11.70
CA SER B 309 2.87 -3.43 -11.20
C SER B 309 4.37 -3.29 -11.00
N VAL B 310 4.95 -4.27 -10.33
CA VAL B 310 6.39 -4.24 -10.09
C VAL B 310 7.12 -4.64 -11.37
N TRP B 311 6.39 -5.11 -12.37
CA TRP B 311 6.98 -5.46 -13.66
C TRP B 311 7.67 -4.24 -14.26
N MET B 312 7.08 -3.07 -14.03
CA MET B 312 7.65 -1.79 -14.47
C MET B 312 9.07 -1.54 -13.97
N LYS B 313 9.44 -2.19 -12.87
CA LYS B 313 10.80 -2.07 -12.33
C LYS B 313 11.77 -2.67 -13.34
N TYR B 314 11.24 -3.49 -14.25
CA TYR B 314 12.08 -4.20 -15.21
C TYR B 314 11.67 -3.87 -16.64
N TYR B 315 11.07 -2.70 -16.83
CA TYR B 315 10.51 -2.35 -18.13
C TYR B 315 11.60 -2.18 -19.19
N PRO B 316 11.52 -2.99 -20.26
CA PRO B 316 12.49 -2.90 -21.35
C PRO B 316 12.12 -1.81 -22.39
N LYS B 317 12.46 -0.56 -22.09
CA LYS B 317 11.96 0.59 -22.85
C LYS B 317 12.32 0.59 -24.34
N GLU B 318 13.60 0.39 -24.64
CA GLU B 318 14.03 0.55 -26.03
C GLU B 318 13.41 -0.54 -26.91
N VAL B 319 13.31 -1.75 -26.37
CA VAL B 319 12.69 -2.87 -27.07
C VAL B 319 11.26 -2.55 -27.54
N VAL B 320 10.46 -1.97 -26.67
CA VAL B 320 9.10 -1.64 -27.08
C VAL B 320 9.09 -0.57 -28.16
N GLU B 321 9.94 0.44 -28.00
CA GLU B 321 10.09 1.50 -29.00
C GLU B 321 10.53 0.97 -30.38
N LYS B 322 11.46 0.01 -30.38
CA LYS B 322 12.02 -0.48 -31.63
C LYS B 322 11.14 -1.57 -32.28
N HIS B 323 10.31 -2.25 -31.50
CA HIS B 323 9.62 -3.41 -32.05
C HIS B 323 8.10 -3.43 -31.88
N GLY B 324 7.54 -2.47 -31.15
CA GLY B 324 6.12 -2.46 -30.91
C GLY B 324 5.31 -2.15 -32.16
N PHE B 325 4.15 -2.77 -32.28
CA PHE B 325 3.21 -2.42 -33.32
C PHE B 325 2.43 -1.16 -32.95
N LYS B 326 1.69 -0.64 -33.91
CA LYS B 326 0.78 0.45 -33.64
C LYS B 326 -0.42 0.28 -34.57
N TYR B 327 -1.54 0.91 -34.21
CA TYR B 327 -2.67 0.97 -35.09
C TYR B 327 -2.22 1.60 -36.40
N ASP B 328 -2.43 0.88 -37.50
CA ASP B 328 -1.98 1.27 -38.83
C ASP B 328 -2.70 0.42 -39.89
N PRO B 329 -3.99 0.70 -40.12
CA PRO B 329 -4.74 -0.21 -40.99
C PRO B 329 -4.31 -0.20 -42.45
N GLU B 330 -3.83 0.93 -42.95
CA GLU B 330 -3.34 0.95 -44.33
C GLU B 330 -2.16 -0.02 -44.47
N GLU B 331 -1.32 -0.08 -43.44
CA GLU B 331 -0.20 -1.02 -43.47
C GLU B 331 -0.69 -2.46 -43.31
N ALA B 332 -1.75 -2.67 -42.53
CA ALA B 332 -2.35 -3.99 -42.41
C ALA B 332 -2.83 -4.50 -43.78
N LYS B 333 -3.62 -3.67 -44.49
CA LYS B 333 -4.10 -3.97 -45.83
C LYS B 333 -2.96 -4.37 -46.77
N SER B 334 -1.84 -3.66 -46.65
CA SER B 334 -0.65 -3.92 -47.46
C SER B 334 -0.13 -5.33 -47.21
N ILE B 335 0.16 -5.62 -45.94
CA ILE B 335 0.61 -6.95 -45.52
C ILE B 335 -0.29 -8.05 -46.09
N LEU B 336 -1.60 -7.88 -45.88
CA LEU B 336 -2.59 -8.83 -46.39
C LEU B 336 -2.57 -8.93 -47.92
N ASP B 337 -2.34 -7.82 -48.61
CA ASP B 337 -2.24 -7.87 -50.07
C ASP B 337 -1.03 -8.71 -50.45
N LYS B 338 0.06 -8.56 -49.70
CA LYS B 338 1.30 -9.28 -49.99
C LYS B 338 1.15 -10.77 -49.71
N LEU B 339 0.28 -11.12 -48.77
CA LEU B 339 0.04 -12.53 -48.45
C LEU B 339 -0.91 -13.18 -49.46
N GLY B 340 -1.44 -12.40 -50.38
CA GLY B 340 -2.35 -12.93 -51.39
C GLY B 340 -3.79 -13.05 -50.90
N PHE B 341 -4.11 -12.43 -49.77
CA PHE B 341 -5.47 -12.43 -49.25
C PHE B 341 -6.26 -11.27 -49.83
N ARG B 342 -7.05 -11.55 -50.86
CA ARG B 342 -7.75 -10.49 -51.58
C ARG B 342 -9.24 -10.80 -51.78
N ASP B 343 -10.05 -9.76 -51.79
CA ASP B 343 -11.48 -9.89 -52.01
C ASP B 343 -11.75 -10.23 -53.48
N VAL B 344 -12.20 -11.45 -53.74
CA VAL B 344 -12.38 -11.87 -55.13
C VAL B 344 -13.84 -11.82 -55.59
N ASN B 345 -14.79 -12.06 -54.69
CA ASN B 345 -16.20 -12.04 -55.07
C ASN B 345 -16.84 -10.66 -54.91
N GLY B 346 -16.07 -9.69 -54.41
CA GLY B 346 -16.51 -8.32 -54.28
C GLY B 346 -17.39 -8.03 -53.09
N ASP B 347 -17.48 -8.99 -52.16
CA ASP B 347 -18.38 -8.84 -51.02
C ASP B 347 -17.78 -8.00 -49.90
N GLY B 348 -16.52 -7.61 -50.05
CA GLY B 348 -15.87 -6.75 -49.09
C GLY B 348 -14.86 -7.45 -48.20
N PHE B 349 -14.76 -8.77 -48.33
CA PHE B 349 -13.88 -9.56 -47.48
C PHE B 349 -12.78 -10.24 -48.28
N ARG B 350 -11.58 -10.29 -47.70
CA ARG B 350 -10.47 -10.99 -48.34
C ARG B 350 -10.68 -12.49 -48.22
N GLU B 351 -10.45 -13.20 -49.32
CA GLU B 351 -10.50 -14.66 -49.33
C GLU B 351 -9.10 -15.25 -49.22
N THR B 352 -9.02 -16.56 -49.01
CA THR B 352 -7.74 -17.27 -49.03
C THR B 352 -7.01 -17.03 -50.36
N PRO B 353 -5.69 -17.29 -50.40
CA PRO B 353 -5.00 -17.23 -51.70
C PRO B 353 -5.55 -18.23 -52.71
N ASP B 354 -6.47 -19.09 -52.28
CA ASP B 354 -7.06 -20.12 -53.13
C ASP B 354 -8.46 -19.76 -53.65
N GLY B 355 -9.12 -18.83 -52.98
CA GLY B 355 -10.47 -18.43 -53.37
C GLY B 355 -11.51 -18.80 -52.33
N LYS B 356 -11.10 -19.64 -51.37
CA LYS B 356 -11.98 -20.04 -50.28
C LYS B 356 -12.21 -18.87 -49.31
N PRO B 357 -13.45 -18.71 -48.82
CA PRO B 357 -13.75 -17.62 -47.91
C PRO B 357 -13.02 -17.75 -46.57
N ILE B 358 -12.81 -16.61 -45.91
CA ILE B 358 -12.19 -16.58 -44.57
C ILE B 358 -13.07 -15.89 -43.55
N LYS B 359 -13.44 -16.63 -42.50
CA LYS B 359 -14.21 -16.09 -41.40
C LYS B 359 -13.65 -16.62 -40.08
N LEU B 360 -13.26 -15.72 -39.19
CA LEU B 360 -12.63 -16.11 -37.93
C LEU B 360 -13.54 -15.79 -36.76
N THR B 361 -13.72 -16.73 -35.85
CA THR B 361 -14.53 -16.45 -34.67
C THR B 361 -13.68 -15.74 -33.63
N ILE B 362 -14.28 -14.80 -32.92
CA ILE B 362 -13.61 -14.19 -31.79
C ILE B 362 -14.54 -14.25 -30.57
N GLU B 363 -14.04 -14.81 -29.46
CA GLU B 363 -14.94 -15.26 -28.41
C GLU B 363 -14.59 -14.80 -26.99
N CYS B 364 -15.63 -14.66 -26.19
CA CYS B 364 -15.57 -14.36 -24.76
C CYS B 364 -16.77 -15.06 -24.11
N PRO B 365 -16.84 -15.09 -22.78
CA PRO B 365 -18.01 -15.74 -22.15
C PRO B 365 -19.33 -15.01 -22.36
N TYR B 366 -20.41 -15.78 -22.55
CA TYR B 366 -21.77 -15.26 -22.48
C TYR B 366 -21.93 -14.33 -21.26
N GLY B 367 -22.56 -13.16 -21.47
CA GLY B 367 -22.92 -12.32 -20.34
C GLY B 367 -21.80 -11.48 -19.75
N TRP B 368 -20.59 -11.62 -20.30
CA TRP B 368 -19.51 -10.68 -19.97
C TRP B 368 -19.64 -9.47 -20.93
N THR B 369 -20.59 -8.59 -20.61
CA THR B 369 -21.16 -7.69 -21.60
C THR B 369 -20.17 -6.68 -22.15
N ASP B 370 -19.17 -6.31 -21.34
CA ASP B 370 -18.11 -5.43 -21.81
C ASP B 370 -17.25 -6.13 -22.87
N TRP B 371 -16.78 -7.35 -22.60
CA TRP B 371 -15.96 -8.04 -23.61
C TRP B 371 -16.77 -8.35 -24.87
N MET B 372 -18.06 -8.63 -24.70
CA MET B 372 -18.96 -8.83 -25.84
C MET B 372 -19.01 -7.60 -26.74
N GLN B 373 -19.20 -6.44 -26.15
CA GLN B 373 -19.23 -5.21 -26.92
C GLN B 373 -17.83 -4.91 -27.50
N ALA B 374 -16.77 -5.18 -26.74
CA ALA B 374 -15.42 -4.89 -27.22
C ALA B 374 -15.09 -5.75 -28.43
N ILE B 375 -15.49 -7.01 -28.35
CA ILE B 375 -15.30 -7.94 -29.45
C ILE B 375 -16.03 -7.42 -30.69
N GLN B 376 -17.18 -6.80 -30.48
CA GLN B 376 -17.92 -6.27 -31.63
C GLN B 376 -17.26 -5.06 -32.28
N VAL B 377 -16.60 -4.19 -31.51
CA VAL B 377 -15.91 -3.10 -32.18
C VAL B 377 -14.65 -3.64 -32.87
N ILE B 378 -14.04 -4.68 -32.32
CA ILE B 378 -12.93 -5.33 -33.01
C ILE B 378 -13.41 -5.92 -34.35
N VAL B 379 -14.57 -6.58 -34.33
CA VAL B 379 -15.14 -7.13 -35.56
C VAL B 379 -15.31 -6.05 -36.63
N ASP B 380 -15.89 -4.91 -36.24
CA ASP B 380 -16.04 -3.79 -37.16
C ASP B 380 -14.69 -3.28 -37.65
N GLN B 381 -13.68 -3.31 -36.78
CA GLN B 381 -12.37 -2.82 -37.20
C GLN B 381 -11.70 -3.77 -38.19
N LEU B 382 -11.86 -5.07 -37.97
CA LEU B 382 -11.27 -6.04 -38.87
C LEU B 382 -11.94 -6.00 -40.24
N LYS B 383 -13.22 -5.68 -40.28
CA LYS B 383 -13.92 -5.65 -41.56
C LYS B 383 -13.35 -4.50 -42.41
N VAL B 384 -12.90 -3.42 -41.75
CA VAL B 384 -12.28 -2.30 -42.45
C VAL B 384 -11.08 -2.73 -43.31
N VAL B 385 -10.32 -3.73 -42.86
CA VAL B 385 -9.16 -4.18 -43.61
C VAL B 385 -9.47 -5.45 -44.40
N GLY B 386 -10.76 -5.80 -44.44
CA GLY B 386 -11.22 -6.93 -45.23
C GLY B 386 -11.07 -8.29 -44.58
N ILE B 387 -11.05 -8.34 -43.26
CA ILE B 387 -11.03 -9.61 -42.54
C ILE B 387 -12.38 -9.88 -41.90
N ASN B 388 -13.03 -10.97 -42.29
CA ASN B 388 -14.33 -11.33 -41.75
C ASN B 388 -14.19 -12.03 -40.41
N ALA B 389 -14.72 -11.40 -39.36
CA ALA B 389 -14.70 -12.00 -38.05
C ALA B 389 -16.14 -12.15 -37.54
N GLU B 390 -16.36 -13.11 -36.66
CA GLU B 390 -17.68 -13.24 -36.07
C GLU B 390 -17.64 -13.45 -34.57
N PRO B 391 -18.41 -12.64 -33.84
CA PRO B 391 -18.57 -12.82 -32.38
C PRO B 391 -19.15 -14.18 -32.04
N TYR B 392 -18.65 -14.74 -30.95
CA TYR B 392 -19.04 -16.05 -30.42
C TYR B 392 -19.01 -15.95 -28.91
N PHE B 393 -20.16 -16.10 -28.26
CA PHE B 393 -20.25 -15.91 -26.81
C PHE B 393 -20.68 -17.17 -26.06
N PRO B 394 -19.85 -18.23 -26.07
CA PRO B 394 -20.24 -19.47 -25.39
C PRO B 394 -20.40 -19.28 -23.88
N ASP B 395 -21.19 -20.15 -23.25
CA ASP B 395 -21.23 -20.21 -21.79
C ASP B 395 -19.81 -20.27 -21.24
N SER B 396 -19.62 -19.67 -20.08
CA SER B 396 -18.31 -19.61 -19.43
C SER B 396 -17.55 -20.94 -19.45
N SER B 397 -18.23 -22.02 -19.07
CA SER B 397 -17.62 -23.35 -19.06
C SER B 397 -17.03 -23.77 -20.40
N LYS B 398 -17.76 -23.51 -21.48
CA LYS B 398 -17.31 -23.86 -22.80
C LYS B 398 -16.16 -22.93 -23.18
N TYR B 399 -16.25 -21.68 -22.74
CA TYR B 399 -15.21 -20.71 -23.03
C TYR B 399 -13.88 -21.18 -22.44
N TYR B 400 -13.92 -21.67 -21.19
CA TYR B 400 -12.68 -22.08 -20.54
C TYR B 400 -12.19 -23.40 -21.09
N GLU B 401 -13.10 -24.32 -21.35
CA GLU B 401 -12.71 -25.57 -21.99
C GLU B 401 -12.06 -25.30 -23.34
N ASN B 402 -12.62 -24.35 -24.10
CA ASN B 402 -12.03 -23.98 -25.38
C ASN B 402 -10.63 -23.43 -25.17
N MET B 403 -10.47 -22.61 -24.12
CA MET B 403 -9.19 -22.00 -23.82
C MET B 403 -8.12 -23.03 -23.53
N TYR B 404 -8.44 -23.95 -22.63
CA TYR B 404 -7.49 -24.96 -22.18
C TYR B 404 -7.12 -25.91 -23.29
N LYS B 405 -8.05 -26.13 -24.21
CA LYS B 405 -7.81 -27.11 -25.27
C LYS B 405 -7.32 -26.40 -26.52
N GLY B 406 -7.35 -25.08 -26.51
CA GLY B 406 -6.89 -24.31 -27.66
C GLY B 406 -7.85 -24.42 -28.82
N GLU B 407 -9.11 -24.71 -28.54
CA GLU B 407 -10.09 -24.84 -29.60
C GLU B 407 -10.85 -23.53 -29.79
N PHE B 408 -10.19 -22.59 -30.46
CA PHE B 408 -10.74 -21.28 -30.74
C PHE B 408 -9.97 -20.68 -31.93
N ASP B 409 -10.48 -19.61 -32.53
CA ASP B 409 -9.72 -18.89 -33.55
C ASP B 409 -9.03 -17.71 -32.87
N ILE B 410 -9.82 -16.67 -32.58
CA ILE B 410 -9.37 -15.53 -31.80
C ILE B 410 -10.10 -15.54 -30.46
N GLU B 411 -9.37 -15.33 -29.37
CA GLU B 411 -9.98 -15.43 -28.03
C GLU B 411 -9.59 -14.26 -27.15
N MET B 412 -10.58 -13.49 -26.70
CA MET B 412 -10.31 -12.42 -25.76
C MET B 412 -10.00 -13.08 -24.42
N ASN B 413 -8.98 -12.59 -23.72
CA ASN B 413 -8.38 -13.36 -22.63
C ASN B 413 -7.66 -12.49 -21.62
N ALA B 414 -7.85 -12.79 -20.33
CA ALA B 414 -7.09 -12.15 -19.25
C ALA B 414 -6.78 -13.17 -18.16
N ASN B 415 -6.48 -14.39 -18.58
CA ASN B 415 -6.42 -15.53 -17.68
C ASN B 415 -4.97 -15.93 -17.38
N GLY B 416 -4.41 -15.35 -16.31
CA GLY B 416 -3.02 -15.56 -15.97
C GLY B 416 -2.19 -14.31 -16.11
N THR B 417 -2.81 -13.23 -16.59
CA THR B 417 -2.07 -11.99 -16.80
C THR B 417 -2.29 -11.03 -15.64
N GLY B 418 -2.77 -11.54 -14.51
CA GLY B 418 -3.06 -10.69 -13.36
C GLY B 418 -1.81 -10.05 -12.77
N ILE B 419 -1.98 -8.95 -12.03
CA ILE B 419 -0.87 -8.34 -11.31
C ILE B 419 -0.17 -9.37 -10.39
N SER B 420 1.17 -9.31 -10.28
CA SER B 420 1.94 -10.30 -9.55
C SER B 420 3.28 -9.74 -9.06
N SER B 421 4.06 -10.56 -8.37
CA SER B 421 5.34 -10.12 -7.85
C SER B 421 6.47 -10.18 -8.88
N THR B 422 6.18 -10.57 -10.12
CA THR B 422 7.23 -10.73 -11.13
C THR B 422 6.69 -10.84 -12.54
N PRO B 423 7.38 -10.20 -13.50
CA PRO B 423 6.94 -10.26 -14.90
C PRO B 423 7.07 -11.67 -15.48
N TRP B 424 7.73 -12.55 -14.74
CA TRP B 424 7.77 -13.96 -15.12
C TRP B 424 6.37 -14.57 -15.28
N THR B 425 5.44 -14.21 -14.40
CA THR B 425 4.07 -14.76 -14.49
C THR B 425 3.40 -14.35 -15.79
N TYR B 426 3.67 -13.13 -16.22
CA TYR B 426 3.08 -12.60 -17.43
C TYR B 426 3.63 -13.33 -18.66
N PHE B 427 4.94 -13.40 -18.74
CA PHE B 427 5.60 -14.05 -19.85
C PHE B 427 5.35 -15.58 -19.86
N ASN B 428 5.23 -16.19 -18.69
CA ASN B 428 4.94 -17.62 -18.61
C ASN B 428 3.52 -17.90 -19.11
N THR B 429 2.58 -17.02 -18.77
CA THR B 429 1.19 -17.16 -19.20
C THR B 429 1.10 -17.04 -20.72
N ILE B 430 1.84 -16.10 -21.29
CA ILE B 430 1.88 -15.98 -22.75
C ILE B 430 2.56 -17.18 -23.41
N PHE B 431 3.77 -17.52 -22.98
CA PHE B 431 4.57 -18.45 -23.76
C PHE B 431 4.52 -19.92 -23.35
N TYR B 432 4.04 -20.20 -22.13
CA TYR B 432 4.05 -21.53 -21.51
C TYR B 432 4.35 -22.70 -22.46
N PRO B 433 5.63 -23.07 -22.56
CA PRO B 433 6.07 -24.01 -23.60
C PRO B 433 5.39 -25.37 -23.53
N ASP B 434 5.00 -25.80 -22.34
CA ASP B 434 4.41 -27.13 -22.16
C ASP B 434 3.02 -27.28 -22.76
N ALA B 435 2.39 -26.16 -23.13
CA ALA B 435 1.08 -26.21 -23.76
C ALA B 435 1.07 -27.10 -25.03
N LEU B 436 2.18 -27.09 -25.77
CA LEU B 436 2.31 -27.87 -27.01
C LEU B 436 2.11 -29.37 -26.76
N GLU B 437 2.45 -29.81 -25.56
CA GLU B 437 2.37 -31.23 -25.21
C GLU B 437 1.31 -31.49 -24.11
N SER B 438 0.31 -30.63 -24.08
CA SER B 438 -0.78 -30.72 -23.10
C SER B 438 -2.12 -30.74 -23.81
N GLU B 439 -2.98 -31.69 -23.46
CA GLU B 439 -4.34 -31.65 -23.92
C GLU B 439 -5.05 -30.45 -23.30
N PHE B 440 -4.90 -30.33 -21.98
CA PHE B 440 -5.42 -29.19 -21.24
C PHE B 440 -4.27 -28.31 -20.77
N SER B 441 -4.23 -27.08 -21.26
CA SER B 441 -3.25 -26.15 -20.75
C SER B 441 -3.91 -25.12 -19.84
N TYR B 442 -3.70 -25.26 -18.55
CA TYR B 442 -4.29 -24.34 -17.58
C TYR B 442 -3.41 -23.11 -17.37
N THR B 443 -2.16 -23.22 -17.80
CA THR B 443 -1.15 -22.25 -17.39
C THR B 443 -0.97 -21.13 -18.41
N GLY B 444 -1.12 -21.45 -19.70
CA GLY B 444 -1.02 -20.42 -20.71
C GLY B 444 -0.68 -20.94 -22.10
N ASN B 445 -0.15 -20.06 -22.94
CA ASN B 445 0.12 -20.39 -24.34
C ASN B 445 -1.05 -21.18 -24.92
N TYR B 446 -2.24 -20.62 -24.73
CA TYR B 446 -3.45 -21.34 -25.09
C TYR B 446 -3.57 -21.56 -26.61
N GLY B 447 -3.00 -20.66 -27.40
CA GLY B 447 -2.99 -20.80 -28.85
C GLY B 447 -1.87 -21.69 -29.38
N ARG B 448 -1.12 -22.28 -28.46
CA ARG B 448 -0.05 -23.23 -28.75
C ARG B 448 1.02 -22.66 -29.69
N TYR B 449 1.51 -21.47 -29.37
CA TYR B 449 2.63 -20.85 -30.08
C TYR B 449 3.94 -21.55 -29.75
N GLN B 450 4.72 -21.91 -30.78
CA GLN B 450 6.00 -22.56 -30.56
C GLN B 450 7.17 -21.62 -30.92
N ASN B 451 8.21 -21.66 -30.08
CA ASN B 451 9.44 -20.89 -30.31
C ASN B 451 10.61 -21.60 -29.65
N PRO B 452 11.70 -21.84 -30.39
CA PRO B 452 12.77 -22.70 -29.85
C PRO B 452 13.54 -22.13 -28.66
N GLU B 453 13.46 -20.82 -28.39
CA GLU B 453 14.29 -20.28 -27.31
C GLU B 453 13.54 -19.68 -26.11
N VAL B 454 12.22 -19.50 -26.20
CA VAL B 454 11.50 -18.89 -25.09
C VAL B 454 11.62 -19.70 -23.79
N GLU B 455 11.65 -21.02 -23.89
CA GLU B 455 11.69 -21.86 -22.70
C GLU B 455 12.98 -21.61 -21.91
N SER B 456 14.08 -21.57 -22.65
CA SER B 456 15.37 -21.24 -22.06
C SER B 456 15.38 -19.84 -21.44
N LEU B 457 14.77 -18.85 -22.11
CA LEU B 457 14.70 -17.50 -21.55
C LEU B 457 13.82 -17.44 -20.30
N LEU B 458 12.67 -18.11 -20.33
CA LEU B 458 11.81 -18.19 -19.16
C LEU B 458 12.57 -18.75 -17.95
N GLU B 459 13.28 -19.86 -18.16
CA GLU B 459 14.05 -20.47 -17.08
C GLU B 459 15.11 -19.53 -16.51
N GLU B 460 15.85 -18.85 -17.39
CA GLU B 460 16.93 -18.00 -16.94
C GLU B 460 16.37 -16.81 -16.18
N LEU B 461 15.23 -16.30 -16.65
CA LEU B 461 14.52 -15.26 -15.96
C LEU B 461 14.16 -15.74 -14.55
N ASN B 462 13.58 -16.93 -14.51
CA ASN B 462 13.09 -17.56 -13.27
C ASN B 462 14.19 -17.78 -12.24
N ARG B 463 15.39 -18.12 -12.67
CA ARG B 463 16.45 -18.42 -11.70
C ARG B 463 17.32 -17.19 -11.47
N THR B 464 16.84 -16.03 -11.92
CA THR B 464 17.55 -14.79 -11.67
C THR B 464 16.99 -14.08 -10.46
N PRO B 465 17.85 -13.82 -9.46
CA PRO B 465 17.44 -13.04 -8.29
C PRO B 465 16.73 -11.74 -8.67
N LEU B 466 15.62 -11.49 -8.00
CA LEU B 466 14.72 -10.36 -8.28
C LEU B 466 15.41 -9.00 -8.17
N ASP B 467 16.46 -8.93 -7.37
CA ASP B 467 17.17 -7.67 -7.15
C ASP B 467 18.20 -7.38 -8.23
N ASN B 468 18.48 -8.36 -9.09
CA ASN B 468 19.38 -8.13 -10.22
C ASN B 468 18.59 -7.48 -11.36
N VAL B 469 18.30 -6.19 -11.17
CA VAL B 469 17.41 -5.46 -12.07
C VAL B 469 17.92 -5.45 -13.50
N GLU B 470 19.23 -5.33 -13.66
CA GLU B 470 19.81 -5.27 -14.99
C GLU B 470 19.55 -6.57 -15.77
N LYS B 471 19.77 -7.72 -15.15
CA LYS B 471 19.63 -8.97 -15.88
C LYS B 471 18.17 -9.30 -16.15
N VAL B 472 17.31 -9.00 -15.19
CA VAL B 472 15.88 -9.30 -15.37
C VAL B 472 15.31 -8.43 -16.49
N THR B 473 15.69 -7.16 -16.50
CA THR B 473 15.28 -6.24 -17.55
C THR B 473 15.71 -6.76 -18.91
N GLU B 474 16.98 -7.12 -19.00
CA GLU B 474 17.54 -7.67 -20.22
C GLU B 474 16.73 -8.90 -20.70
N LEU B 475 16.46 -9.83 -19.79
CA LEU B 475 15.69 -11.02 -20.15
C LEU B 475 14.24 -10.69 -20.50
N CYS B 476 13.68 -9.68 -19.85
CA CYS B 476 12.34 -9.20 -20.20
C CYS B 476 12.37 -8.57 -21.59
N GLY B 477 13.51 -7.98 -21.93
CA GLY B 477 13.68 -7.44 -23.26
C GLY B 477 13.66 -8.52 -24.31
N LYS B 478 14.34 -9.63 -24.03
CA LYS B 478 14.47 -10.69 -25.02
C LYS B 478 13.13 -11.43 -25.21
N LEU B 479 12.44 -11.70 -24.11
CA LEU B 479 11.12 -12.30 -24.20
C LEU B 479 10.16 -11.31 -24.86
N GLY B 480 10.28 -10.04 -24.49
CA GLY B 480 9.43 -9.00 -25.05
C GLY B 480 9.64 -8.80 -26.54
N GLU B 481 10.87 -8.95 -27.00
CA GLU B 481 11.17 -8.91 -28.43
C GLU B 481 10.39 -9.96 -29.17
N ILE B 482 10.41 -11.17 -28.62
CA ILE B 482 9.77 -12.31 -29.25
C ILE B 482 8.26 -12.13 -29.31
N LEU B 483 7.71 -11.60 -28.21
CA LEU B 483 6.27 -11.34 -28.12
C LEU B 483 5.86 -10.32 -29.18
N LEU B 484 6.57 -9.21 -29.22
CA LEU B 484 6.28 -8.13 -30.14
C LEU B 484 6.44 -8.54 -31.61
N LYS B 485 7.38 -9.44 -31.89
CA LYS B 485 7.65 -9.81 -33.28
C LYS B 485 6.68 -10.88 -33.80
N ASP B 486 6.26 -11.79 -32.93
CA ASP B 486 5.48 -12.94 -33.39
C ASP B 486 4.03 -12.90 -32.91
N LEU B 487 3.75 -11.98 -31.99
CA LEU B 487 2.39 -11.74 -31.49
C LEU B 487 1.53 -13.00 -31.25
N PRO B 488 1.97 -13.91 -30.37
CA PRO B 488 1.06 -15.01 -30.05
C PRO B 488 -0.09 -14.52 -29.17
N PHE B 489 0.09 -13.33 -28.60
CA PHE B 489 -0.87 -12.68 -27.73
C PHE B 489 -0.77 -11.20 -28.01
N ILE B 490 -1.92 -10.53 -28.09
CA ILE B 490 -1.94 -9.12 -28.44
C ILE B 490 -2.56 -8.29 -27.34
N PRO B 491 -1.72 -7.61 -26.55
CA PRO B 491 -2.21 -6.80 -25.42
C PRO B 491 -3.08 -5.67 -25.94
N LEU B 492 -4.23 -5.44 -25.33
CA LEU B 492 -5.11 -4.37 -25.80
C LEU B 492 -5.38 -3.32 -24.74
N TRP B 493 -5.78 -3.74 -23.53
CA TRP B 493 -5.95 -2.79 -22.43
C TRP B 493 -5.76 -3.47 -21.07
N TYR B 494 -5.60 -2.66 -20.03
CA TYR B 494 -5.43 -3.23 -18.70
C TYR B 494 -6.80 -3.38 -18.03
N GLY B 495 -7.19 -4.62 -17.79
CA GLY B 495 -8.48 -4.90 -17.20
C GLY B 495 -8.68 -4.13 -15.91
N ALA B 496 -9.87 -3.59 -15.72
CA ALA B 496 -10.19 -2.91 -14.48
C ALA B 496 -10.41 -3.97 -13.40
N MET B 497 -9.84 -3.74 -12.23
CA MET B 497 -10.18 -4.51 -11.03
C MET B 497 -11.53 -3.96 -10.51
N ALA B 498 -12.61 -4.28 -11.22
CA ALA B 498 -13.92 -3.73 -10.92
C ALA B 498 -14.29 -4.08 -9.49
N PHE B 499 -14.61 -3.04 -8.72
CA PHE B 499 -14.89 -3.18 -7.30
C PHE B 499 -15.85 -2.09 -6.92
N ILE B 500 -17.10 -2.49 -6.66
CA ILE B 500 -18.17 -1.55 -6.34
C ILE B 500 -18.91 -2.13 -5.15
N THR B 501 -19.18 -1.28 -4.17
CA THR B 501 -19.82 -1.71 -2.93
C THR B 501 -20.89 -0.72 -2.53
N GLN B 502 -21.76 -1.15 -1.61
CA GLN B 502 -22.70 -0.24 -0.99
C GLN B 502 -22.72 -0.56 0.50
N ASP B 503 -23.13 0.42 1.32
CA ASP B 503 -22.99 0.35 2.78
C ASP B 503 -24.26 0.00 3.58
N ASN B 504 -25.29 -0.56 2.96
CA ASN B 504 -26.53 -0.83 3.69
C ASN B 504 -26.34 -1.84 4.83
N VAL B 505 -25.41 -2.78 4.66
CA VAL B 505 -25.26 -3.88 5.63
C VAL B 505 -23.85 -3.99 6.20
N TRP B 506 -22.85 -3.71 5.36
CA TRP B 506 -21.45 -3.70 5.77
C TRP B 506 -20.81 -2.37 5.38
N THR B 507 -19.96 -1.83 6.26
CA THR B 507 -19.21 -0.62 5.94
C THR B 507 -17.70 -0.86 6.15
N ASN B 508 -16.90 0.18 5.91
CA ASN B 508 -15.44 0.17 6.00
C ASN B 508 -14.78 -0.64 4.87
N TRP B 509 -15.41 -0.65 3.72
CA TRP B 509 -14.77 -1.07 2.48
C TRP B 509 -13.56 -0.19 2.20
N PRO B 510 -12.50 -0.76 1.62
CA PRO B 510 -11.32 0.04 1.23
C PRO B 510 -11.62 0.95 0.04
N ASN B 511 -10.76 1.95 -0.17
CA ASN B 511 -10.70 2.74 -1.38
C ASN B 511 -9.45 3.59 -1.30
N GLU B 512 -9.27 4.50 -2.24
CA GLU B 512 -8.04 5.29 -2.28
C GLU B 512 -7.83 6.11 -1.01
N HIS B 513 -8.91 6.37 -0.29
CA HIS B 513 -8.77 7.16 0.94
C HIS B 513 -8.52 6.25 2.15
N ASN B 514 -8.75 4.96 1.96
CA ASN B 514 -8.53 3.95 3.03
C ASN B 514 -8.00 2.69 2.36
N PRO B 515 -6.80 2.77 1.77
CA PRO B 515 -6.35 1.74 0.82
C PRO B 515 -5.67 0.55 1.48
N TYR B 516 -6.41 -0.23 2.28
CA TYR B 516 -5.77 -1.20 3.16
C TYR B 516 -5.73 -2.61 2.56
N ALA B 517 -6.52 -2.86 1.51
CA ALA B 517 -6.53 -4.19 0.92
C ALA B 517 -7.00 -4.22 -0.53
N TRP B 518 -6.38 -5.12 -1.30
CA TRP B 518 -6.70 -5.41 -2.68
C TRP B 518 -8.03 -6.14 -2.73
N PRO B 519 -8.99 -5.62 -3.49
CA PRO B 519 -10.38 -6.05 -3.40
C PRO B 519 -10.76 -7.09 -4.47
N CYS B 520 -10.11 -8.25 -4.46
CA CYS B 520 -10.33 -9.22 -5.52
C CYS B 520 -10.84 -10.56 -5.02
N GLY B 521 -12.09 -10.86 -5.36
CA GLY B 521 -12.72 -12.11 -4.97
C GLY B 521 -12.67 -13.23 -6.01
N TRP B 522 -11.81 -13.08 -7.00
CA TRP B 522 -11.62 -14.16 -7.97
C TRP B 522 -11.08 -15.43 -7.31
N ALA B 523 -11.33 -16.57 -7.93
CA ALA B 523 -10.74 -17.82 -7.49
C ALA B 523 -9.22 -17.66 -7.44
N ASN B 524 -8.61 -18.15 -6.36
CA ASN B 524 -7.15 -18.10 -6.13
C ASN B 524 -6.65 -16.73 -5.66
N TRP B 525 -7.53 -15.75 -5.53
CA TRP B 525 -7.11 -14.38 -5.22
C TRP B 525 -7.50 -13.86 -3.83
N TRP B 526 -8.28 -14.63 -3.07
CA TRP B 526 -8.80 -14.15 -1.78
C TRP B 526 -7.65 -13.88 -0.80
N GLN B 527 -6.55 -14.59 -0.96
CA GLN B 527 -5.41 -14.37 -0.08
C GLN B 527 -4.58 -13.14 -0.51
N THR B 528 -5.09 -12.37 -1.47
N THR B 528 -5.07 -12.37 -1.49
CA THR B 528 -4.34 -11.21 -1.91
CA THR B 528 -4.35 -11.17 -1.92
C THR B 528 -4.98 -9.92 -1.36
C THR B 528 -4.97 -9.91 -1.36
N GLY B 529 -6.08 -10.05 -0.62
CA GLY B 529 -6.69 -8.91 0.04
C GLY B 529 -8.17 -9.05 0.43
N ALA B 530 -8.98 -9.70 -0.39
CA ALA B 530 -10.42 -9.76 -0.15
C ALA B 530 -10.72 -10.39 1.23
N LEU B 531 -9.92 -11.36 1.64
CA LEU B 531 -10.10 -11.94 2.99
C LEU B 531 -9.82 -10.88 4.06
N LYS B 532 -8.71 -10.16 3.93
CA LYS B 532 -8.39 -9.04 4.82
C LYS B 532 -9.52 -8.00 4.88
N ILE B 533 -10.18 -7.76 3.74
CA ILE B 533 -11.37 -6.92 3.77
C ILE B 533 -12.40 -7.44 4.75
N LEU B 534 -12.67 -8.74 4.70
CA LEU B 534 -13.59 -9.39 5.64
C LEU B 534 -13.19 -9.17 7.10
N PHE B 535 -11.88 -9.21 7.38
CA PHE B 535 -11.40 -8.92 8.73
C PHE B 535 -11.78 -7.51 9.16
N ASN B 536 -11.97 -6.59 8.21
CA ASN B 536 -12.07 -5.18 8.56
C ASN B 536 -13.47 -4.60 8.43
N LEU B 537 -14.37 -5.35 7.81
CA LEU B 537 -15.75 -4.90 7.65
C LEU B 537 -16.43 -4.66 8.99
N LYS B 538 -17.31 -3.67 9.02
CA LYS B 538 -18.13 -3.35 10.19
C LYS B 538 -19.61 -3.39 9.85
N PRO B 539 -20.47 -3.84 10.80
CA PRO B 539 -21.91 -3.79 10.51
C PRO B 539 -22.41 -2.35 10.40
N ALA B 540 -23.29 -2.10 9.44
CA ALA B 540 -23.91 -0.79 9.25
C ALA B 540 -24.81 -0.38 10.40
N LYS B 541 -25.25 0.88 10.38
CA LYS B 541 -26.15 1.51 11.37
C LYS B 541 -25.40 1.94 12.61
#